data_7D9W
#
_entry.id   7D9W
#
_cell.length_a   43.516
_cell.length_b   53.846
_cell.length_c   107.549
_cell.angle_alpha   91.590
_cell.angle_beta   100.314
_cell.angle_gamma   108.058
#
_symmetry.space_group_name_H-M   'P 1'
#
loop_
_entity.id
_entity.type
_entity.pdbx_description
1 polymer 'Gamma-glutamyltransferase 1 Threonine peptidase. MEROPS family T03'
2 polymer 'Gamma-glutamyltransferase 1 Threonine peptidase. MEROPS family T03'
3 non-polymer 6-DIAZENYL-5-OXO-L-NORLEUCINE
4 non-polymer GLYCINE
5 water water
#
loop_
_entity_poly.entity_id
_entity_poly.type
_entity_poly.pdbx_seq_one_letter_code
_entity_poly.pdbx_strand_id
1 'polypeptide(L)'
;MRVFHFSKLPLGVAILAASSSVFAVTLDGGAVAAPDQYGAKVAAEILKKGGNAVDAAVATAFTLAVTYPEAGNIGGGGFM
TLYVDGKPYFLDYREIAPKAATKTMYLNEKGEVIENLSLVGAKAAGVPGTVMGLWEAHQRFGKLKWSELLTPAIGYAQTG
FKVADQQYQYRQDAIALFNGKTNFGDYFGTMKPGEVFKQPELAKTLERIADKGPDDFYKGETAKLLIAQMKQDGGLITSD
DLVDYQAKWREPMRIDWQGNTLYTAPLPSSGGIALAQLIGIKEQRAADFKGVELNSAKYIHLLSEIEKRVFADRADYLGD
PQFSKVPVAQLTDPKYIAKRAGEVNPDAISATEKVRPGLEPHQTTHFSIVD
;
A,C
2 'polypeptide(L)'
;TTHFSIVDKDGNAVSNTYTLNWDFGSGVVVKGAGFLLNDEMDDFSSKPGVANAFGVVGSDANAIEPGKRMLSSMSPSIVT
RDGHVSLVLGTPGGSRIFTSIFQVLNNVYDFHLPLEKAVAAQRVHHQLLPKDTIYYDAYAPLTGKVADELKAMGYTLEDQ
GWNMGDIQAIRVNGKALETASDPRGRGVGMVVKP
;
B,D
#
# COMPACT_ATOMS: atom_id res chain seq x y z
N THR A 26 -45.98 28.16 8.38
CA THR A 26 -45.80 29.58 8.67
C THR A 26 -45.12 29.81 10.02
N LEU A 27 -44.03 30.57 10.00
CA LEU A 27 -43.19 30.83 11.15
C LEU A 27 -43.27 32.30 11.54
N ASP A 28 -42.60 32.64 12.65
CA ASP A 28 -42.54 34.03 13.09
C ASP A 28 -41.65 34.89 12.20
N GLY A 29 -41.08 34.32 11.15
CA GLY A 29 -40.27 35.08 10.22
C GLY A 29 -39.32 34.15 9.49
N GLY A 30 -38.33 34.78 8.84
CA GLY A 30 -37.23 34.05 8.26
C GLY A 30 -35.98 34.18 9.12
N ALA A 31 -34.93 33.51 8.69
CA ALA A 31 -33.65 33.58 9.40
C ALA A 31 -32.53 33.18 8.46
N VAL A 32 -31.35 33.72 8.73
CA VAL A 32 -30.13 33.38 8.01
C VAL A 32 -28.98 33.26 9.02
N ALA A 33 -28.15 32.25 8.84
CA ALA A 33 -26.87 32.15 9.52
C ALA A 33 -25.82 32.03 8.41
N ALA A 34 -25.04 33.08 8.23
CA ALA A 34 -24.10 33.17 7.12
C ALA A 34 -22.69 33.35 7.64
N PRO A 35 -21.68 32.96 6.85
CA PRO A 35 -20.30 33.02 7.34
C PRO A 35 -19.70 34.41 7.38
N ASP A 36 -20.39 35.43 6.87
CA ASP A 36 -19.98 36.81 7.11
C ASP A 36 -21.20 37.72 7.10
N GLN A 37 -20.95 38.99 7.46
CA GLN A 37 -22.02 39.97 7.60
C GLN A 37 -22.67 40.30 6.26
N TYR A 38 -21.96 40.13 5.15
CA TYR A 38 -22.51 40.51 3.86
C TYR A 38 -23.52 39.47 3.36
N GLY A 39 -23.16 38.19 3.41
CA GLY A 39 -24.12 37.16 3.07
C GLY A 39 -25.37 37.22 3.95
N ALA A 40 -25.18 37.52 5.23
CA ALA A 40 -26.31 37.65 6.14
C ALA A 40 -27.23 38.80 5.70
N LYS A 41 -26.64 39.97 5.43
CA LYS A 41 -27.45 41.13 5.05
C LYS A 41 -28.21 40.87 3.75
N VAL A 42 -27.54 40.30 2.75
CA VAL A 42 -28.18 40.07 1.46
C VAL A 42 -29.31 39.06 1.60
N ALA A 43 -29.06 37.97 2.33
CA ALA A 43 -30.11 36.98 2.54
C ALA A 43 -31.34 37.62 3.19
N ALA A 44 -31.12 38.48 4.18
CA ALA A 44 -32.24 39.14 4.85
C ALA A 44 -32.97 40.10 3.92
N GLU A 45 -32.21 40.83 3.08
CA GLU A 45 -32.85 41.73 2.12
C GLU A 45 -33.77 40.97 1.16
N ILE A 46 -33.35 39.78 0.74
CA ILE A 46 -34.16 38.99 -0.19
C ILE A 46 -35.43 38.49 0.49
N LEU A 47 -35.29 37.93 1.69
CA LEU A 47 -36.46 37.47 2.43
C LEU A 47 -37.44 38.61 2.67
N LYS A 48 -36.93 39.80 2.99
CA LYS A 48 -37.81 40.95 3.21
C LYS A 48 -38.47 41.39 1.91
N LYS A 49 -37.76 41.29 0.79
CA LYS A 49 -38.36 41.60 -0.51
C LYS A 49 -39.33 40.53 -0.99
N GLY A 50 -39.60 39.51 -0.18
CA GLY A 50 -40.54 38.46 -0.56
C GLY A 50 -39.92 37.26 -1.26
N GLY A 51 -38.60 37.22 -1.40
CA GLY A 51 -37.97 36.02 -1.87
C GLY A 51 -38.17 34.88 -0.89
N ASN A 52 -38.08 33.66 -1.41
CA ASN A 52 -38.10 32.49 -0.53
C ASN A 52 -36.67 32.07 -0.22
N ALA A 53 -36.55 30.97 0.52
CA ALA A 53 -35.23 30.54 1.00
C ALA A 53 -34.28 30.23 -0.15
N VAL A 54 -34.81 29.78 -1.29
CA VAL A 54 -33.95 29.50 -2.44
C VAL A 54 -33.50 30.80 -3.10
N ASP A 55 -34.43 31.74 -3.29
CA ASP A 55 -34.05 33.06 -3.77
C ASP A 55 -32.94 33.65 -2.90
N ALA A 56 -33.15 33.63 -1.58
CA ALA A 56 -32.15 34.16 -0.66
C ALA A 56 -30.84 33.40 -0.77
N ALA A 57 -30.90 32.07 -0.87
CA ALA A 57 -29.70 31.25 -0.98
C ALA A 57 -28.91 31.58 -2.22
N VAL A 58 -29.59 31.80 -3.35
CA VAL A 58 -28.87 32.10 -4.59
C VAL A 58 -28.15 33.45 -4.47
N ALA A 59 -28.86 34.47 -3.98
CA ALA A 59 -28.22 35.77 -3.79
C ALA A 59 -27.06 35.68 -2.81
N THR A 60 -27.24 34.92 -1.73
CA THR A 60 -26.17 34.78 -0.73
C THR A 60 -24.96 34.08 -1.34
N ALA A 61 -25.19 33.02 -2.12
CA ALA A 61 -24.07 32.30 -2.72
C ALA A 61 -23.26 33.19 -3.66
N PHE A 62 -23.92 34.00 -4.49
CA PHE A 62 -23.17 34.89 -5.35
C PHE A 62 -22.47 35.98 -4.54
N THR A 63 -23.12 36.50 -3.49
CA THR A 63 -22.48 37.50 -2.65
C THR A 63 -21.17 36.97 -2.06
N LEU A 64 -21.19 35.76 -1.49
CA LEU A 64 -19.98 35.22 -0.88
C LEU A 64 -18.90 34.89 -1.92
N ALA A 65 -19.27 34.67 -3.18
CA ALA A 65 -18.28 34.54 -4.24
C ALA A 65 -17.50 35.84 -4.43
N VAL A 66 -18.01 36.95 -3.92
CA VAL A 66 -17.29 38.22 -3.92
C VAL A 66 -16.61 38.48 -2.57
N THR A 67 -17.36 38.40 -1.47
CA THR A 67 -16.85 38.83 -0.16
C THR A 67 -16.12 37.73 0.61
N TYR A 68 -16.25 36.47 0.17
N TYR A 68 -16.28 36.47 0.17
CA TYR A 68 -15.62 35.33 0.86
CA TYR A 68 -15.66 35.32 0.83
C TYR A 68 -14.85 34.48 -0.14
C TYR A 68 -14.92 34.49 -0.21
N PRO A 69 -14.01 35.11 -0.97
CA PRO A 69 -13.36 34.40 -2.09
C PRO A 69 -12.44 33.27 -1.70
N GLU A 70 -12.06 33.12 -0.43
CA GLU A 70 -11.29 31.94 -0.04
C GLU A 70 -12.11 30.66 -0.18
N ALA A 71 -13.44 30.75 -0.14
CA ALA A 71 -14.28 29.57 -0.23
C ALA A 71 -15.54 29.82 -1.05
N GLY A 72 -16.24 30.92 -0.78
CA GLY A 72 -17.31 31.34 -1.67
C GLY A 72 -16.76 31.52 -3.07
N ASN A 73 -17.57 31.15 -4.07
CA ASN A 73 -17.00 30.93 -5.39
C ASN A 73 -18.05 30.86 -6.48
N ILE A 74 -17.60 31.15 -7.71
CA ILE A 74 -18.22 30.62 -8.92
C ILE A 74 -17.28 29.68 -9.67
N GLY A 75 -16.02 29.54 -9.24
CA GLY A 75 -15.09 28.62 -9.87
C GLY A 75 -14.91 27.30 -9.16
N GLY A 76 -15.82 26.95 -8.25
CA GLY A 76 -15.76 25.73 -7.48
C GLY A 76 -17.03 24.91 -7.59
N GLY A 77 -17.45 24.33 -6.46
CA GLY A 77 -18.62 23.47 -6.45
C GLY A 77 -19.14 23.26 -5.03
N GLY A 78 -20.22 22.51 -4.93
CA GLY A 78 -20.83 22.29 -3.63
C GLY A 78 -22.09 21.48 -3.73
N PHE A 79 -22.82 21.51 -2.62
CA PHE A 79 -24.02 20.71 -2.42
C PHE A 79 -25.06 21.59 -1.72
N MET A 80 -26.33 21.36 -2.05
CA MET A 80 -27.44 22.08 -1.44
C MET A 80 -28.48 21.07 -0.98
N THR A 81 -28.81 21.08 0.30
CA THR A 81 -29.90 20.28 0.87
C THR A 81 -31.07 21.22 1.12
N LEU A 82 -32.28 20.81 0.71
CA LEU A 82 -33.42 21.69 0.73
C LEU A 82 -34.60 20.99 1.37
N TYR A 83 -35.49 21.79 1.98
CA TYR A 83 -36.79 21.34 2.43
C TYR A 83 -37.79 22.39 1.94
N VAL A 84 -38.62 22.02 0.98
CA VAL A 84 -39.51 22.97 0.31
C VAL A 84 -40.92 22.39 0.32
N ASP A 85 -41.86 23.14 0.91
CA ASP A 85 -43.26 22.72 0.95
C ASP A 85 -43.40 21.29 1.46
N GLY A 86 -42.62 20.97 2.48
CA GLY A 86 -42.78 19.72 3.21
C GLY A 86 -42.04 18.53 2.65
N LYS A 87 -41.16 18.73 1.67
CA LYS A 87 -40.47 17.62 1.03
C LYS A 87 -38.98 17.92 0.95
N PRO A 88 -38.13 16.90 1.10
CA PRO A 88 -36.68 17.12 1.02
C PRO A 88 -36.13 16.98 -0.38
N TYR A 89 -35.07 17.73 -0.65
CA TYR A 89 -34.39 17.68 -1.94
C TYR A 89 -32.90 17.83 -1.72
N PHE A 90 -32.13 17.37 -2.71
CA PHE A 90 -30.68 17.50 -2.65
C PHE A 90 -30.16 17.82 -4.04
N LEU A 91 -29.31 18.83 -4.13
CA LEU A 91 -28.73 19.25 -5.41
C LEU A 91 -27.21 19.11 -5.35
N ASP A 92 -26.66 18.36 -6.29
CA ASP A 92 -25.23 18.07 -6.37
C ASP A 92 -24.64 18.90 -7.51
N TYR A 93 -23.89 19.94 -7.17
CA TYR A 93 -23.14 20.73 -8.15
C TYR A 93 -21.65 20.67 -7.83
N ARG A 94 -21.20 19.46 -7.48
CA ARG A 94 -19.79 19.14 -7.32
C ARG A 94 -19.08 19.17 -8.67
N GLU A 95 -17.82 19.58 -8.65
CA GLU A 95 -17.02 19.58 -9.86
C GLU A 95 -16.83 18.15 -10.38
N ILE A 96 -16.54 18.03 -11.68
CA ILE A 96 -16.20 16.76 -12.29
C ILE A 96 -14.79 16.82 -12.86
N ALA A 97 -14.13 15.68 -12.88
CA ALA A 97 -12.82 15.59 -13.50
C ALA A 97 -12.92 15.96 -14.98
N PRO A 98 -11.96 16.73 -15.52
CA PRO A 98 -11.96 16.97 -16.97
C PRO A 98 -11.87 15.66 -17.74
N LYS A 99 -12.32 15.72 -19.00
CA LYS A 99 -12.36 14.53 -19.84
C LYS A 99 -10.97 13.97 -20.12
N ALA A 100 -9.94 14.80 -20.05
CA ALA A 100 -8.57 14.36 -20.25
C ALA A 100 -7.88 13.92 -18.97
N ALA A 101 -8.56 13.96 -17.83
CA ALA A 101 -7.95 13.48 -16.59
C ALA A 101 -7.68 11.98 -16.66
N THR A 102 -6.64 11.54 -15.95
CA THR A 102 -6.28 10.14 -15.90
C THR A 102 -5.90 9.74 -14.48
N LYS A 103 -6.01 8.45 -14.21
CA LYS A 103 -5.72 7.91 -12.88
C LYS A 103 -4.37 8.35 -12.35
N THR A 104 -3.34 8.38 -13.21
CA THR A 104 -1.97 8.61 -12.77
C THR A 104 -1.48 10.02 -13.07
N MET A 105 -2.39 10.98 -13.29
CA MET A 105 -1.99 12.27 -13.81
C MET A 105 -1.10 13.07 -12.85
N TYR A 106 -1.09 12.74 -11.56
CA TYR A 106 -0.29 13.48 -10.60
C TYR A 106 0.93 12.69 -10.12
N LEU A 107 1.29 11.61 -10.79
CA LEU A 107 2.48 10.84 -10.45
C LEU A 107 3.63 11.24 -11.37
N ASN A 108 4.85 11.20 -10.83
CA ASN A 108 6.02 11.54 -11.62
C ASN A 108 6.58 10.28 -12.27
N GLU A 109 7.76 10.39 -12.88
CA GLU A 109 8.32 9.26 -13.61
C GLU A 109 8.80 8.14 -12.69
N LYS A 110 8.89 8.39 -11.37
CA LYS A 110 9.22 7.36 -10.40
C LYS A 110 7.98 6.79 -9.72
N GLY A 111 6.78 7.13 -10.21
CA GLY A 111 5.56 6.65 -9.60
C GLY A 111 5.16 7.36 -8.34
N GLU A 112 5.77 8.50 -8.04
CA GLU A 112 5.52 9.26 -6.83
C GLU A 112 4.46 10.32 -7.07
N VAL A 113 3.67 10.63 -6.04
CA VAL A 113 2.78 11.78 -6.12
C VAL A 113 3.60 13.06 -6.18
N ILE A 114 3.29 13.92 -7.16
CA ILE A 114 4.01 15.16 -7.32
C ILE A 114 3.45 16.18 -6.34
N GLU A 115 4.32 16.72 -5.49
CA GLU A 115 3.88 17.61 -4.41
C GLU A 115 3.12 18.81 -4.96
N ASN A 116 1.87 18.95 -4.53
CA ASN A 116 1.02 20.11 -4.76
C ASN A 116 0.52 20.24 -6.20
N LEU A 117 0.79 19.27 -7.07
CA LEU A 117 0.26 19.34 -8.43
C LEU A 117 -1.26 19.25 -8.43
N SER A 118 -1.85 18.52 -7.48
CA SER A 118 -3.29 18.45 -7.34
C SER A 118 -3.86 19.58 -6.48
N LEU A 119 -3.00 20.48 -6.00
CA LEU A 119 -3.40 21.56 -5.10
C LEU A 119 -3.16 22.94 -5.66
N VAL A 120 -2.14 23.13 -6.50
CA VAL A 120 -1.70 24.44 -6.97
C VAL A 120 -1.61 24.38 -8.48
N GLY A 121 -2.17 25.38 -9.15
CA GLY A 121 -2.10 25.47 -10.60
C GLY A 121 -3.30 24.88 -11.29
N ALA A 122 -3.33 25.08 -12.61
CA ALA A 122 -4.54 24.83 -13.39
C ALA A 122 -4.90 23.36 -13.48
N LYS A 123 -3.92 22.46 -13.38
CA LYS A 123 -4.24 21.04 -13.45
C LYS A 123 -4.94 20.52 -12.19
N ALA A 124 -4.97 21.31 -11.12
CA ALA A 124 -5.66 20.91 -9.90
C ALA A 124 -7.16 21.14 -9.95
N ALA A 125 -7.66 21.77 -11.02
CA ALA A 125 -9.05 22.22 -11.06
C ALA A 125 -9.96 21.16 -11.67
N GLY A 126 -11.11 20.94 -11.02
CA GLY A 126 -12.23 20.28 -11.67
C GLY A 126 -13.13 21.28 -12.39
N VAL A 127 -14.02 20.76 -13.22
CA VAL A 127 -14.95 21.61 -13.97
C VAL A 127 -15.90 22.26 -12.97
N PRO A 128 -15.97 23.60 -12.89
CA PRO A 128 -16.79 24.22 -11.84
C PRO A 128 -18.28 23.96 -12.03
N GLY A 129 -18.98 23.83 -10.90
CA GLY A 129 -20.40 23.54 -10.92
C GLY A 129 -21.31 24.56 -10.29
N THR A 130 -20.74 25.52 -9.56
CA THR A 130 -21.56 26.39 -8.71
C THR A 130 -22.59 27.19 -9.53
N VAL A 131 -22.18 27.78 -10.65
CA VAL A 131 -23.12 28.62 -11.39
C VAL A 131 -24.29 27.77 -11.90
N MET A 132 -23.99 26.55 -12.37
CA MET A 132 -25.07 25.67 -12.81
C MET A 132 -25.95 25.25 -11.64
N GLY A 133 -25.35 24.94 -10.49
CA GLY A 133 -26.14 24.55 -9.34
C GLY A 133 -27.09 25.62 -8.87
N LEU A 134 -26.60 26.85 -8.72
CA LEU A 134 -27.48 27.93 -8.29
C LEU A 134 -28.58 28.17 -9.31
N TRP A 135 -28.28 28.01 -10.60
CA TRP A 135 -29.30 28.16 -11.62
C TRP A 135 -30.40 27.12 -11.47
N GLU A 136 -30.03 25.85 -11.30
CA GLU A 136 -31.04 24.79 -11.24
C GLU A 136 -31.91 24.93 -10.00
N ALA A 137 -31.30 25.23 -8.85
CA ALA A 137 -32.10 25.48 -7.65
C ALA A 137 -33.10 26.60 -7.91
N HIS A 138 -32.64 27.70 -8.50
CA HIS A 138 -33.54 28.82 -8.74
C HIS A 138 -34.62 28.47 -9.76
N GLN A 139 -34.24 27.79 -10.84
CA GLN A 139 -35.23 27.44 -11.85
C GLN A 139 -36.35 26.60 -11.27
N ARG A 140 -36.01 25.69 -10.36
CA ARG A 140 -37.02 24.80 -9.81
C ARG A 140 -37.88 25.46 -8.75
N PHE A 141 -37.28 26.30 -7.88
CA PHE A 141 -37.95 26.75 -6.67
C PHE A 141 -38.04 28.26 -6.49
N GLY A 142 -37.32 29.04 -7.29
CA GLY A 142 -37.25 30.47 -7.03
C GLY A 142 -38.52 31.21 -7.39
N LYS A 143 -38.74 32.32 -6.68
CA LYS A 143 -39.87 33.21 -6.95
C LYS A 143 -39.47 34.54 -7.55
N LEU A 144 -38.23 34.99 -7.36
CA LEU A 144 -37.77 36.27 -7.86
C LEU A 144 -36.94 36.10 -9.13
N LYS A 145 -36.74 37.22 -9.83
CA LYS A 145 -36.05 37.19 -11.11
C LYS A 145 -34.56 36.96 -10.93
N TRP A 146 -33.99 36.14 -11.82
CA TRP A 146 -32.58 35.74 -11.72
C TRP A 146 -31.66 36.94 -11.65
N SER A 147 -31.82 37.90 -12.57
CA SER A 147 -30.90 39.03 -12.61
C SER A 147 -30.94 39.82 -11.31
N GLU A 148 -32.12 39.94 -10.69
CA GLU A 148 -32.23 40.66 -9.43
C GLU A 148 -31.45 39.97 -8.31
N LEU A 149 -31.34 38.63 -8.37
CA LEU A 149 -30.63 37.91 -7.33
C LEU A 149 -29.13 38.11 -7.42
N LEU A 150 -28.62 38.61 -8.53
CA LEU A 150 -27.18 38.85 -8.65
C LEU A 150 -26.80 40.30 -8.40
N THR A 151 -27.75 41.22 -8.33
CA THR A 151 -27.40 42.62 -8.15
C THR A 151 -26.64 42.89 -6.85
N PRO A 152 -26.98 42.25 -5.72
CA PRO A 152 -26.19 42.53 -4.50
C PRO A 152 -24.73 42.15 -4.66
N ALA A 153 -24.47 40.93 -5.16
CA ALA A 153 -23.10 40.50 -5.40
C ALA A 153 -22.38 41.45 -6.35
N ILE A 154 -23.06 41.87 -7.43
CA ILE A 154 -22.46 42.85 -8.33
C ILE A 154 -22.09 44.11 -7.58
N GLY A 155 -22.98 44.55 -6.69
CA GLY A 155 -22.68 45.75 -5.89
C GLY A 155 -21.43 45.60 -5.04
N TYR A 156 -21.25 44.44 -4.42
CA TYR A 156 -20.07 44.25 -3.58
C TYR A 156 -18.81 44.13 -4.42
N ALA A 157 -18.92 43.60 -5.65
CA ALA A 157 -17.76 43.56 -6.52
C ALA A 157 -17.37 44.95 -6.99
N GLN A 158 -18.34 45.84 -7.20
CA GLN A 158 -18.03 47.14 -7.77
C GLN A 158 -17.59 48.14 -6.69
N THR A 159 -18.38 48.29 -5.64
CA THR A 159 -18.08 49.29 -4.62
C THR A 159 -17.33 48.72 -3.41
N GLY A 160 -17.21 47.40 -3.31
CA GLY A 160 -16.22 46.79 -2.43
C GLY A 160 -16.81 46.25 -1.14
N PHE A 161 -15.95 45.53 -0.42
CA PHE A 161 -16.27 44.99 0.91
C PHE A 161 -15.01 45.10 1.76
N LYS A 162 -15.19 45.03 3.08
CA LYS A 162 -14.08 45.17 4.02
C LYS A 162 -13.47 43.80 4.30
N VAL A 163 -12.17 43.67 4.04
CA VAL A 163 -11.49 42.39 4.23
C VAL A 163 -11.36 42.11 5.73
N ALA A 164 -11.53 40.84 6.10
CA ALA A 164 -11.54 40.43 7.49
C ALA A 164 -10.17 39.97 7.96
N ASP A 165 -9.97 39.94 9.28
CA ASP A 165 -8.68 39.51 9.82
C ASP A 165 -8.36 38.08 9.41
N GLN A 166 -9.28 37.15 9.65
CA GLN A 166 -9.01 35.75 9.33
C GLN A 166 -8.82 35.56 7.83
N GLN A 167 -9.65 36.25 7.03
CA GLN A 167 -9.51 36.24 5.59
C GLN A 167 -8.12 36.64 5.14
N TYR A 168 -7.60 37.73 5.69
CA TYR A 168 -6.25 38.17 5.35
C TYR A 168 -5.20 37.11 5.71
N GLN A 169 -5.33 36.50 6.89
CA GLN A 169 -4.38 35.46 7.29
C GLN A 169 -4.38 34.31 6.29
N TYR A 170 -5.57 33.89 5.82
CA TYR A 170 -5.63 32.86 4.79
C TYR A 170 -4.95 33.34 3.50
N ARG A 171 -5.12 34.62 3.16
CA ARG A 171 -4.43 35.17 2.00
C ARG A 171 -2.93 34.98 2.12
N GLN A 172 -2.37 35.29 3.31
CA GLN A 172 -0.94 35.17 3.52
C GLN A 172 -0.47 33.72 3.38
N ASP A 173 -1.23 32.78 3.95
CA ASP A 173 -0.85 31.38 3.88
C ASP A 173 -0.89 30.87 2.44
N ALA A 174 -1.89 31.32 1.67
CA ALA A 174 -2.04 30.84 0.29
C ALA A 174 -0.88 31.32 -0.58
N ILE A 175 -0.57 32.61 -0.52
CA ILE A 175 0.61 33.17 -1.18
C ILE A 175 1.79 32.25 -0.92
N ALA A 176 1.98 31.88 0.35
CA ALA A 176 3.10 31.01 0.70
C ALA A 176 2.99 29.65 0.01
N LEU A 177 1.79 29.06 -0.02
CA LEU A 177 1.64 27.75 -0.63
C LEU A 177 1.78 27.81 -2.15
N PHE A 178 1.19 28.82 -2.78
CA PHE A 178 1.30 28.94 -4.24
C PHE A 178 2.75 29.16 -4.66
N ASN A 179 3.55 29.81 -3.83
CA ASN A 179 4.99 29.91 -4.06
C ASN A 179 5.28 30.63 -5.38
N GLY A 180 4.50 31.67 -5.66
CA GLY A 180 4.67 32.43 -6.90
C GLY A 180 4.56 31.61 -8.16
N LYS A 181 3.68 30.62 -8.16
CA LYS A 181 3.48 29.75 -9.32
C LYS A 181 2.17 30.01 -10.04
N THR A 182 1.40 31.01 -9.62
CA THR A 182 0.14 31.35 -10.26
C THR A 182 0.04 32.87 -10.35
N ASN A 183 -1.09 33.33 -10.87
CA ASN A 183 -1.40 34.76 -10.94
C ASN A 183 -2.19 35.24 -9.72
N PHE A 184 -2.19 34.46 -8.64
CA PHE A 184 -2.99 34.81 -7.46
C PHE A 184 -2.70 36.23 -7.02
N GLY A 185 -1.41 36.56 -6.88
CA GLY A 185 -1.03 37.87 -6.37
C GLY A 185 -1.47 39.02 -7.25
N ASP A 186 -1.65 38.78 -8.55
CA ASP A 186 -2.08 39.85 -9.44
C ASP A 186 -3.49 40.31 -9.14
N TYR A 187 -4.30 39.50 -8.47
CA TYR A 187 -5.69 39.83 -8.17
C TYR A 187 -5.98 39.98 -6.69
N PHE A 188 -5.35 39.20 -5.83
CA PHE A 188 -5.65 39.21 -4.40
C PHE A 188 -4.46 39.65 -3.57
N GLY A 189 -3.43 40.20 -4.19
CA GLY A 189 -2.28 40.67 -3.44
C GLY A 189 -2.54 41.93 -2.64
N THR A 190 -3.55 42.71 -3.01
CA THR A 190 -3.86 43.95 -2.31
C THR A 190 -4.94 43.81 -1.24
N MET A 191 -5.50 42.62 -1.02
CA MET A 191 -6.38 42.46 0.14
C MET A 191 -5.66 42.93 1.39
N LYS A 192 -6.30 43.83 2.14
CA LYS A 192 -5.74 44.35 3.39
C LYS A 192 -6.88 44.39 4.40
N PRO A 193 -6.67 43.90 5.62
CA PRO A 193 -7.79 43.77 6.56
C PRO A 193 -8.35 45.13 6.96
N GLY A 194 -9.66 45.20 7.06
CA GLY A 194 -10.33 46.45 7.35
C GLY A 194 -10.24 47.48 6.26
N GLU A 195 -9.71 47.13 5.09
CA GLU A 195 -9.62 48.02 3.95
C GLU A 195 -10.50 47.46 2.83
N VAL A 196 -11.06 48.36 2.04
CA VAL A 196 -12.05 48.00 1.04
C VAL A 196 -11.37 47.35 -0.15
N PHE A 197 -11.93 46.25 -0.63
CA PHE A 197 -11.37 45.47 -1.73
C PHE A 197 -12.40 45.43 -2.85
N LYS A 198 -11.99 45.85 -4.04
CA LYS A 198 -12.86 45.89 -5.21
C LYS A 198 -12.39 44.91 -6.27
N GLN A 199 -13.34 44.39 -7.03
CA GLN A 199 -13.08 43.31 -8.00
C GLN A 199 -13.80 43.63 -9.30
N PRO A 200 -13.24 44.55 -10.10
CA PRO A 200 -13.98 45.00 -11.29
C PRO A 200 -14.23 43.91 -12.32
N GLU A 201 -13.24 43.05 -12.60
CA GLU A 201 -13.44 41.99 -13.58
C GLU A 201 -14.51 41.02 -13.13
N LEU A 202 -14.53 40.68 -11.83
CA LEU A 202 -15.56 39.79 -11.31
C LEU A 202 -16.94 40.44 -11.39
N ALA A 203 -17.03 41.76 -11.19
CA ALA A 203 -18.29 42.46 -11.38
C ALA A 203 -18.84 42.23 -12.78
N LYS A 204 -18.00 42.40 -13.80
CA LYS A 204 -18.44 42.21 -15.18
C LYS A 204 -18.85 40.76 -15.43
N THR A 205 -18.11 39.81 -14.86
CA THR A 205 -18.48 38.41 -15.02
C THR A 205 -19.87 38.14 -14.42
N LEU A 206 -20.11 38.65 -13.22
CA LEU A 206 -21.41 38.47 -12.57
C LEU A 206 -22.53 39.13 -13.37
N GLU A 207 -22.24 40.27 -14.00
CA GLU A 207 -23.24 40.91 -14.85
C GLU A 207 -23.58 40.05 -16.05
N ARG A 208 -22.57 39.40 -16.66
CA ARG A 208 -22.88 38.51 -17.77
C ARG A 208 -23.73 37.32 -17.31
N ILE A 209 -23.43 36.78 -16.12
CA ILE A 209 -24.21 35.66 -15.62
C ILE A 209 -25.64 36.10 -15.31
N ALA A 210 -25.81 37.32 -14.80
CA ALA A 210 -27.15 37.83 -14.52
C ALA A 210 -27.95 38.00 -15.81
N ASP A 211 -27.29 38.43 -16.89
CA ASP A 211 -28.00 38.70 -18.13
C ASP A 211 -28.22 37.43 -18.95
N LYS A 212 -27.21 36.55 -18.99
CA LYS A 212 -27.22 35.41 -19.90
C LYS A 212 -27.54 34.08 -19.23
N GLY A 213 -27.44 34.00 -17.91
CA GLY A 213 -27.56 32.75 -17.22
C GLY A 213 -26.27 31.96 -17.28
N PRO A 214 -26.30 30.70 -16.84
CA PRO A 214 -25.08 29.87 -16.93
C PRO A 214 -24.54 29.77 -18.34
N ASP A 215 -25.33 30.13 -19.36
CA ASP A 215 -24.81 30.15 -20.73
C ASP A 215 -23.49 30.91 -20.81
N ASP A 216 -23.38 32.05 -20.13
CA ASP A 216 -22.14 32.81 -20.18
C ASP A 216 -20.97 31.98 -19.65
N PHE A 217 -21.17 31.31 -18.51
CA PHE A 217 -20.07 30.62 -17.84
C PHE A 217 -19.65 29.38 -18.61
N TYR A 218 -20.59 28.64 -19.16
CA TYR A 218 -20.29 27.35 -19.78
C TYR A 218 -20.20 27.41 -21.30
N LYS A 219 -20.75 28.44 -21.93
CA LYS A 219 -20.76 28.52 -23.39
C LYS A 219 -20.39 29.89 -23.95
N GLY A 220 -20.28 30.94 -23.13
CA GLY A 220 -20.10 32.28 -23.65
C GLY A 220 -18.76 32.92 -23.34
N GLU A 221 -18.78 34.22 -23.06
CA GLU A 221 -17.52 34.96 -22.86
C GLU A 221 -16.72 34.42 -21.68
N THR A 222 -17.40 34.13 -20.57
CA THR A 222 -16.67 33.61 -19.41
C THR A 222 -16.05 32.24 -19.72
N ALA A 223 -16.80 31.37 -20.42
CA ALA A 223 -16.26 30.09 -20.85
C ALA A 223 -14.98 30.29 -21.67
N LYS A 224 -15.01 31.24 -22.61
CA LYS A 224 -13.85 31.48 -23.46
C LYS A 224 -12.65 31.94 -22.65
N LEU A 225 -12.87 32.79 -21.65
CA LEU A 225 -11.75 33.27 -20.83
C LEU A 225 -11.19 32.14 -19.98
N LEU A 226 -12.06 31.24 -19.49
CA LEU A 226 -11.60 30.10 -18.71
C LEU A 226 -10.78 29.14 -19.57
N ILE A 227 -11.23 28.89 -20.80
CA ILE A 227 -10.51 28.00 -21.70
C ILE A 227 -9.17 28.60 -22.10
N ALA A 228 -9.13 29.92 -22.32
CA ALA A 228 -7.86 30.56 -22.65
C ALA A 228 -6.90 30.50 -21.47
N GLN A 229 -7.40 30.65 -20.24
CA GLN A 229 -6.54 30.46 -19.07
C GLN A 229 -5.97 29.05 -19.05
N MET A 230 -6.82 28.06 -19.30
CA MET A 230 -6.37 26.66 -19.32
C MET A 230 -5.28 26.45 -20.36
N LYS A 231 -5.47 26.98 -21.56
CA LYS A 231 -4.48 26.78 -22.62
C LYS A 231 -3.15 27.43 -22.25
N GLN A 232 -3.21 28.63 -21.66
CA GLN A 232 -1.99 29.31 -21.23
C GLN A 232 -1.26 28.52 -20.16
N ASP A 233 -1.99 27.97 -19.19
CA ASP A 233 -1.39 27.32 -18.04
C ASP A 233 -1.23 25.81 -18.21
N GLY A 234 -1.61 25.26 -19.36
CA GLY A 234 -1.54 23.83 -19.55
C GLY A 234 -2.53 23.05 -18.72
N GLY A 235 -3.67 23.64 -18.40
CA GLY A 235 -4.75 22.91 -17.75
C GLY A 235 -5.48 22.02 -18.73
N LEU A 236 -6.45 21.27 -18.21
CA LEU A 236 -7.14 20.24 -18.99
C LEU A 236 -8.54 20.62 -19.43
N ILE A 237 -9.15 21.64 -18.83
CA ILE A 237 -10.56 21.91 -19.07
C ILE A 237 -10.74 22.52 -20.46
N THR A 238 -11.65 21.94 -21.24
CA THR A 238 -11.93 22.37 -22.60
C THR A 238 -13.38 22.81 -22.71
N SER A 239 -13.71 23.36 -23.89
CA SER A 239 -15.09 23.73 -24.18
C SER A 239 -16.03 22.54 -24.01
N ASP A 240 -15.63 21.37 -24.51
CA ASP A 240 -16.47 20.18 -24.38
C ASP A 240 -16.76 19.86 -22.92
N ASP A 241 -15.78 20.08 -22.04
CA ASP A 241 -15.98 19.83 -20.62
C ASP A 241 -17.07 20.74 -20.06
N LEU A 242 -17.01 22.03 -20.41
CA LEU A 242 -17.96 22.98 -19.85
C LEU A 242 -19.37 22.75 -20.41
N VAL A 243 -19.46 22.47 -21.71
CA VAL A 243 -20.77 22.23 -22.32
C VAL A 243 -21.44 21.00 -21.73
N ASP A 244 -20.65 20.01 -21.30
CA ASP A 244 -21.21 18.78 -20.76
C ASP A 244 -21.53 18.84 -19.28
N TYR A 245 -21.10 19.88 -18.56
CA TYR A 245 -21.36 19.87 -17.13
C TYR A 245 -22.85 19.93 -16.84
N GLN A 246 -23.30 19.10 -15.91
CA GLN A 246 -24.66 19.19 -15.37
C GLN A 246 -24.63 19.02 -13.86
N ALA A 247 -25.37 19.85 -13.15
CA ALA A 247 -25.68 19.54 -11.77
C ALA A 247 -26.67 18.38 -11.73
N LYS A 248 -26.72 17.67 -10.60
CA LYS A 248 -27.52 16.46 -10.48
C LYS A 248 -28.37 16.54 -9.22
N TRP A 249 -29.70 16.44 -9.40
CA TRP A 249 -30.58 16.22 -8.27
C TRP A 249 -30.48 14.77 -7.83
N ARG A 250 -30.48 14.55 -6.50
CA ARG A 250 -30.39 13.21 -5.95
C ARG A 250 -31.33 13.08 -4.76
N GLU A 251 -31.65 11.84 -4.43
CA GLU A 251 -32.38 11.56 -3.20
C GLU A 251 -31.48 11.87 -2.01
N PRO A 252 -31.91 12.71 -1.07
CA PRO A 252 -31.06 12.99 0.09
C PRO A 252 -30.98 11.78 1.01
N MET A 253 -29.87 11.71 1.76
CA MET A 253 -29.74 10.72 2.80
C MET A 253 -30.71 11.03 3.92
N ARG A 254 -31.50 10.04 4.33
CA ARG A 254 -32.42 10.19 5.45
C ARG A 254 -31.97 9.33 6.61
N ILE A 255 -31.87 9.94 7.80
CA ILE A 255 -31.45 9.27 9.02
C ILE A 255 -32.45 9.60 10.10
N ASP A 256 -33.03 8.58 10.73
CA ASP A 256 -34.03 8.75 11.78
C ASP A 256 -33.45 8.29 13.10
N TRP A 257 -33.63 9.10 14.15
CA TRP A 257 -33.23 8.64 15.47
C TRP A 257 -33.93 9.52 16.50
N GLN A 258 -34.36 8.92 17.61
CA GLN A 258 -35.00 9.65 18.70
C GLN A 258 -36.17 10.49 18.22
N GLY A 259 -36.84 10.03 17.15
CA GLY A 259 -38.00 10.72 16.63
C GLY A 259 -37.70 11.89 15.72
N ASN A 260 -36.44 12.17 15.44
CA ASN A 260 -36.07 13.20 14.48
C ASN A 260 -35.69 12.57 13.16
N THR A 261 -35.83 13.34 12.09
CA THR A 261 -35.49 12.90 10.74
C THR A 261 -34.45 13.87 10.18
N LEU A 262 -33.23 13.35 9.97
CA LEU A 262 -32.11 14.12 9.44
C LEU A 262 -31.98 13.85 7.95
N TYR A 263 -31.99 14.93 7.15
CA TYR A 263 -31.72 14.86 5.73
C TYR A 263 -30.34 15.46 5.48
N THR A 264 -29.49 14.74 4.73
CA THR A 264 -28.11 15.20 4.54
C THR A 264 -27.60 14.65 3.21
N ALA A 265 -26.32 14.88 2.94
CA ALA A 265 -25.77 14.68 1.62
C ALA A 265 -25.53 13.20 1.36
N PRO A 266 -26.04 12.65 0.27
CA PRO A 266 -25.66 11.31 -0.17
C PRO A 266 -24.38 11.36 -0.99
N LEU A 267 -23.97 10.20 -1.50
CA LEU A 267 -22.85 10.17 -2.43
C LEU A 267 -23.09 11.14 -3.57
N PRO A 268 -22.05 11.85 -4.06
CA PRO A 268 -20.63 11.65 -3.75
C PRO A 268 -20.13 12.32 -2.47
N SER A 269 -21.02 12.70 -1.57
CA SER A 269 -20.56 13.02 -0.23
C SER A 269 -20.44 11.75 0.57
N SER A 270 -19.36 11.63 1.33
CA SER A 270 -19.21 10.57 2.31
C SER A 270 -19.95 10.88 3.61
N GLY A 271 -20.47 12.09 3.75
CA GLY A 271 -20.98 12.54 5.04
C GLY A 271 -22.31 11.95 5.44
N GLY A 272 -23.15 11.60 4.47
CA GLY A 272 -24.44 11.00 4.78
C GLY A 272 -24.29 9.58 5.31
N ILE A 273 -23.47 8.77 4.65
CA ILE A 273 -23.18 7.43 5.15
C ILE A 273 -22.48 7.53 6.51
N ALA A 274 -21.54 8.47 6.64
CA ALA A 274 -20.82 8.61 7.90
C ALA A 274 -21.76 8.97 9.05
N LEU A 275 -22.68 9.92 8.81
CA LEU A 275 -23.59 10.33 9.86
C LEU A 275 -24.56 9.21 10.20
N ALA A 276 -24.99 8.45 9.20
CA ALA A 276 -25.84 7.29 9.47
C ALA A 276 -25.14 6.29 10.37
N GLN A 277 -23.84 6.05 10.14
CA GLN A 277 -23.09 5.10 10.96
C GLN A 277 -22.76 5.69 12.33
N LEU A 278 -22.33 6.95 12.36
CA LEU A 278 -22.03 7.60 13.63
C LEU A 278 -23.24 7.60 14.55
N ILE A 279 -24.38 8.09 14.05
CA ILE A 279 -25.58 8.17 14.86
C ILE A 279 -26.08 6.78 15.23
N GLY A 280 -26.13 5.88 14.24
CA GLY A 280 -26.65 4.55 14.51
C GLY A 280 -25.81 3.76 15.50
N ILE A 281 -24.49 3.86 15.37
CA ILE A 281 -23.61 3.15 16.29
C ILE A 281 -23.69 3.74 17.69
N LYS A 282 -23.70 5.08 17.78
CA LYS A 282 -23.86 5.71 19.08
C LYS A 282 -25.14 5.25 19.76
N GLU A 283 -26.23 5.15 18.99
CA GLU A 283 -27.49 4.72 19.59
C GLU A 283 -27.38 3.28 20.08
N GLN A 284 -26.71 2.42 19.31
CA GLN A 284 -26.52 1.04 19.74
C GLN A 284 -25.69 0.97 21.03
N ARG A 285 -24.71 1.87 21.17
CA ARG A 285 -23.87 1.90 22.36
C ARG A 285 -24.38 2.87 23.42
N ALA A 286 -25.70 3.11 23.48
CA ALA A 286 -26.22 4.11 24.41
C ALA A 286 -25.80 3.82 25.85
N ALA A 287 -25.80 2.54 26.23
CA ALA A 287 -25.46 2.19 27.61
C ALA A 287 -24.08 2.70 27.99
N ASP A 288 -23.16 2.77 27.03
CA ASP A 288 -21.80 3.23 27.33
C ASP A 288 -21.71 4.74 27.46
N PHE A 289 -22.69 5.45 26.89
CA PHE A 289 -22.72 6.90 26.95
C PHE A 289 -23.51 7.43 28.14
N LYS A 290 -24.20 6.55 28.87
CA LYS A 290 -25.03 6.98 29.99
C LYS A 290 -24.16 7.50 31.13
N GLY A 291 -24.49 8.68 31.63
CA GLY A 291 -23.72 9.29 32.70
C GLY A 291 -22.36 9.80 32.31
N VAL A 292 -22.08 9.95 31.02
CA VAL A 292 -20.79 10.37 30.51
C VAL A 292 -20.89 11.83 30.10
N GLU A 293 -19.99 12.67 30.64
CA GLU A 293 -20.07 14.10 30.36
C GLU A 293 -19.47 14.44 29.00
N LEU A 294 -20.03 15.48 28.39
CA LEU A 294 -19.54 15.95 27.11
C LEU A 294 -18.06 16.29 27.19
N ASN A 295 -17.29 15.74 26.24
CA ASN A 295 -15.87 16.00 26.08
C ASN A 295 -15.03 15.54 27.27
N SER A 296 -15.57 14.62 28.07
CA SER A 296 -14.75 13.83 28.96
C SER A 296 -13.86 12.89 28.14
N ALA A 297 -12.87 12.30 28.81
CA ALA A 297 -11.99 11.37 28.11
C ALA A 297 -12.78 10.19 27.55
N LYS A 298 -13.72 9.64 28.34
CA LYS A 298 -14.51 8.52 27.86
C LYS A 298 -15.36 8.92 26.66
N TYR A 299 -15.98 10.10 26.70
CA TYR A 299 -16.79 10.56 25.57
C TYR A 299 -15.96 10.61 24.29
N ILE A 300 -14.78 11.24 24.38
CA ILE A 300 -13.95 11.43 23.20
C ILE A 300 -13.38 10.10 22.73
N HIS A 301 -13.05 9.22 23.67
CA HIS A 301 -12.62 7.88 23.29
C HIS A 301 -13.71 7.13 22.53
N LEU A 302 -14.95 7.20 23.03
CA LEU A 302 -16.05 6.49 22.38
C LEU A 302 -16.28 7.02 20.96
N LEU A 303 -16.30 8.34 20.80
CA LEU A 303 -16.42 8.90 19.46
C LEU A 303 -15.27 8.45 18.57
N SER A 304 -14.05 8.43 19.10
CA SER A 304 -12.90 7.98 18.32
C SER A 304 -13.06 6.53 17.88
N GLU A 305 -13.53 5.67 18.77
CA GLU A 305 -13.75 4.27 18.40
C GLU A 305 -14.76 4.14 17.26
N ILE A 306 -15.81 4.96 17.29
CA ILE A 306 -16.79 4.89 16.20
C ILE A 306 -16.17 5.40 14.92
N GLU A 307 -15.48 6.55 14.99
CA GLU A 307 -14.86 7.12 13.80
C GLU A 307 -13.85 6.18 13.16
N LYS A 308 -13.22 5.28 13.93
CA LYS A 308 -12.31 4.30 13.34
C LYS A 308 -13.03 3.49 12.27
N ARG A 309 -14.23 2.99 12.59
CA ARG A 309 -14.94 2.12 11.65
C ARG A 309 -15.51 2.92 10.49
N VAL A 310 -15.99 4.13 10.76
CA VAL A 310 -16.52 5.00 9.71
C VAL A 310 -15.45 5.28 8.66
N PHE A 311 -14.24 5.64 9.09
CA PHE A 311 -13.21 5.97 8.13
C PHE A 311 -12.61 4.75 7.45
N ALA A 312 -12.70 3.57 8.08
CA ALA A 312 -12.29 2.37 7.38
C ALA A 312 -13.19 2.12 6.18
N ASP A 313 -14.50 2.21 6.37
CA ASP A 313 -15.44 2.04 5.27
C ASP A 313 -15.30 3.15 4.23
N ARG A 314 -15.10 4.38 4.70
CA ARG A 314 -15.02 5.52 3.79
C ARG A 314 -13.90 5.32 2.77
N ALA A 315 -12.73 4.90 3.25
CA ALA A 315 -11.57 4.78 2.37
C ALA A 315 -11.74 3.63 1.37
N ASP A 316 -12.49 2.59 1.74
CA ASP A 316 -12.53 1.39 0.92
C ASP A 316 -13.65 1.42 -0.13
N TYR A 317 -14.80 2.01 0.19
CA TYR A 317 -16.00 1.79 -0.61
C TYR A 317 -16.53 3.00 -1.35
N LEU A 318 -16.27 4.23 -0.88
CA LEU A 318 -17.06 5.37 -1.30
C LEU A 318 -16.46 6.14 -2.47
N GLY A 319 -17.34 6.57 -3.36
CA GLY A 319 -16.93 7.37 -4.51
C GLY A 319 -18.14 7.73 -5.34
N ASP A 320 -17.88 8.37 -6.49
CA ASP A 320 -18.97 8.76 -7.38
C ASP A 320 -19.82 7.52 -7.67
N PRO A 321 -21.11 7.51 -7.30
CA PRO A 321 -21.90 6.28 -7.42
C PRO A 321 -22.23 5.88 -8.85
N GLN A 322 -21.98 6.73 -9.84
CA GLN A 322 -22.15 6.34 -11.23
C GLN A 322 -20.93 5.64 -11.79
N PHE A 323 -19.84 5.57 -11.04
CA PHE A 323 -18.59 5.02 -11.55
C PHE A 323 -18.20 3.70 -10.90
N SER A 324 -18.87 3.31 -9.82
CA SER A 324 -18.79 1.95 -9.31
C SER A 324 -20.08 1.64 -8.58
N LYS A 325 -20.26 0.37 -8.25
CA LYS A 325 -21.44 -0.09 -7.52
C LYS A 325 -21.13 0.06 -6.03
N VAL A 326 -21.43 1.23 -5.49
CA VAL A 326 -21.15 1.49 -4.07
C VAL A 326 -22.21 0.81 -3.23
N PRO A 327 -21.82 -0.02 -2.24
CA PRO A 327 -22.82 -0.78 -1.46
C PRO A 327 -23.45 0.06 -0.35
N VAL A 328 -24.17 1.10 -0.75
CA VAL A 328 -24.73 2.05 0.22
C VAL A 328 -25.74 1.36 1.14
N ALA A 329 -26.63 0.55 0.57
CA ALA A 329 -27.63 -0.13 1.38
C ALA A 329 -26.98 -0.99 2.46
N GLN A 330 -25.91 -1.71 2.09
CA GLN A 330 -25.26 -2.60 3.04
C GLN A 330 -24.55 -1.82 4.15
N LEU A 331 -23.97 -0.67 3.80
CA LEU A 331 -23.20 0.13 4.75
C LEU A 331 -24.07 0.91 5.72
N THR A 332 -25.38 1.00 5.48
CA THR A 332 -26.30 1.68 6.36
C THR A 332 -27.39 0.75 6.89
N ASP A 333 -27.32 -0.53 6.55
CA ASP A 333 -28.25 -1.51 7.05
C ASP A 333 -28.22 -1.53 8.58
N PRO A 334 -29.38 -1.55 9.25
CA PRO A 334 -29.34 -1.56 10.72
C PRO A 334 -28.58 -2.74 11.31
N LYS A 335 -28.65 -3.92 10.68
CA LYS A 335 -27.92 -5.07 11.20
C LYS A 335 -26.42 -4.87 11.02
N TYR A 336 -26.01 -4.19 9.95
CA TYR A 336 -24.60 -3.86 9.77
C TYR A 336 -24.15 -2.85 10.82
N ILE A 337 -24.97 -1.84 11.09
CA ILE A 337 -24.70 -0.86 12.14
C ILE A 337 -24.49 -1.56 13.48
N ALA A 338 -25.32 -2.55 13.79
CA ALA A 338 -25.18 -3.25 15.07
C ALA A 338 -23.90 -4.05 15.11
N LYS A 339 -23.51 -4.67 13.99
CA LYS A 339 -22.27 -5.43 13.96
C LYS A 339 -21.07 -4.51 14.19
N ARG A 340 -21.05 -3.35 13.54
CA ARG A 340 -19.94 -2.43 13.72
C ARG A 340 -19.93 -1.85 15.13
N ALA A 341 -21.11 -1.55 15.68
CA ALA A 341 -21.17 -1.05 17.05
C ALA A 341 -20.59 -2.07 18.02
N GLY A 342 -20.79 -3.35 17.74
CA GLY A 342 -20.23 -4.38 18.59
C GLY A 342 -18.73 -4.40 18.64
N GLU A 343 -18.08 -3.74 17.66
CA GLU A 343 -16.62 -3.66 17.64
C GLU A 343 -16.09 -2.58 18.59
N VAL A 344 -16.92 -1.60 18.93
CA VAL A 344 -16.47 -0.49 19.76
C VAL A 344 -15.96 -1.02 21.09
N ASN A 345 -14.77 -0.59 21.48
CA ASN A 345 -14.20 -0.96 22.76
C ASN A 345 -14.32 0.22 23.71
N PRO A 346 -15.22 0.20 24.70
CA PRO A 346 -15.41 1.37 25.55
C PRO A 346 -14.30 1.59 26.57
N ASP A 347 -13.38 0.64 26.72
CA ASP A 347 -12.40 0.69 27.78
C ASP A 347 -10.98 0.92 27.30
N ALA A 348 -10.68 0.64 26.03
CA ALA A 348 -9.33 0.73 25.51
C ALA A 348 -9.38 1.00 24.02
N ILE A 349 -8.26 1.45 23.47
CA ILE A 349 -8.19 1.72 22.05
C ILE A 349 -8.17 0.40 21.29
N SER A 350 -8.98 0.30 20.24
CA SER A 350 -8.93 -0.85 19.37
C SER A 350 -7.63 -0.83 18.56
N ALA A 351 -7.04 -2.02 18.38
CA ALA A 351 -5.87 -2.15 17.54
C ALA A 351 -6.16 -1.64 16.13
N THR A 352 -5.45 -0.59 15.73
CA THR A 352 -5.74 0.05 14.45
C THR A 352 -5.57 -0.91 13.29
N GLU A 353 -4.60 -1.82 13.37
CA GLU A 353 -4.35 -2.73 12.25
C GLU A 353 -5.42 -3.80 12.14
N LYS A 354 -6.26 -3.97 13.16
CA LYS A 354 -7.38 -4.91 13.12
C LYS A 354 -8.70 -4.27 12.70
N VAL A 355 -8.74 -2.95 12.52
CA VAL A 355 -9.96 -2.29 12.06
C VAL A 355 -10.05 -2.47 10.55
N ARG A 356 -11.12 -3.11 10.08
CA ARG A 356 -11.27 -3.46 8.69
C ARG A 356 -12.49 -2.75 8.08
N PRO A 357 -12.49 -2.51 6.78
CA PRO A 357 -13.76 -2.19 6.11
C PRO A 357 -14.74 -3.33 6.36
N GLY A 358 -15.98 -2.96 6.71
CA GLY A 358 -16.88 -3.90 7.33
C GLY A 358 -17.44 -4.98 6.42
N LEU A 359 -17.31 -4.85 5.11
CA LEU A 359 -17.79 -5.87 4.19
C LEU A 359 -16.67 -6.78 3.69
N GLU A 360 -15.45 -6.59 4.16
CA GLU A 360 -14.33 -7.43 3.75
C GLU A 360 -14.57 -8.90 4.10
N THR B 1 -13.93 25.61 1.97
CA THR B 1 -15.36 25.42 2.20
C THR B 1 -15.89 26.59 3.03
N THR B 2 -17.17 26.92 2.82
CA THR B 2 -17.93 27.70 3.78
C THR B 2 -19.36 27.20 3.67
N HIS B 3 -20.19 27.56 4.65
CA HIS B 3 -21.55 27.05 4.70
C HIS B 3 -22.50 28.16 5.12
N PHE B 4 -23.73 28.13 4.61
CA PHE B 4 -24.76 29.00 5.16
C PHE B 4 -26.09 28.25 5.21
N SER B 5 -26.96 28.74 6.09
CA SER B 5 -28.24 28.13 6.40
C SER B 5 -29.33 29.19 6.35
N ILE B 6 -30.46 28.87 5.71
CA ILE B 6 -31.57 29.80 5.56
C ILE B 6 -32.89 29.09 5.79
N VAL B 7 -33.79 29.77 6.51
CA VAL B 7 -35.18 29.36 6.68
C VAL B 7 -36.04 30.56 6.29
N ASP B 8 -37.11 30.34 5.53
CA ASP B 8 -38.02 31.43 5.21
C ASP B 8 -39.31 31.27 6.02
N LYS B 9 -40.12 32.33 5.99
CA LYS B 9 -41.30 32.39 6.86
C LYS B 9 -42.31 31.29 6.53
N ASP B 10 -42.19 30.64 5.39
CA ASP B 10 -43.08 29.54 5.02
C ASP B 10 -42.61 28.21 5.57
N GLY B 11 -41.49 28.17 6.28
CA GLY B 11 -40.94 26.93 6.77
C GLY B 11 -40.06 26.19 5.78
N ASN B 12 -39.75 26.80 4.64
CA ASN B 12 -38.81 26.23 3.69
C ASN B 12 -37.39 26.52 4.16
N ALA B 13 -36.45 25.65 3.77
CA ALA B 13 -35.10 25.73 4.31
C ALA B 13 -34.07 25.39 3.25
N VAL B 14 -32.94 26.09 3.28
CA VAL B 14 -31.79 25.78 2.46
C VAL B 14 -30.57 25.63 3.36
N SER B 15 -29.81 24.57 3.15
CA SER B 15 -28.52 24.36 3.79
C SER B 15 -27.51 24.16 2.68
N ASN B 16 -26.55 25.08 2.57
CA ASN B 16 -25.69 25.12 1.39
C ASN B 16 -24.21 25.17 1.80
N THR B 17 -23.48 24.13 1.40
CA THR B 17 -22.03 24.03 1.60
C THR B 17 -21.37 24.04 0.23
N TYR B 18 -20.42 24.96 0.02
N TYR B 18 -20.43 24.96 0.03
CA TYR B 18 -19.74 25.04 -1.26
CA TYR B 18 -19.73 25.05 -1.26
C TYR B 18 -18.32 25.56 -1.03
C TYR B 18 -18.31 25.54 -1.01
N THR B 19 -17.47 25.37 -2.03
CA THR B 19 -16.04 25.39 -1.76
C THR B 19 -15.21 25.51 -3.03
N LEU B 20 -13.98 25.97 -2.85
CA LEU B 20 -12.90 25.80 -3.82
C LEU B 20 -12.00 24.63 -3.45
N ASN B 21 -12.28 23.96 -2.33
CA ASN B 21 -11.41 23.02 -1.61
C ASN B 21 -10.51 23.82 -0.66
N TRP B 22 -9.22 23.94 -0.97
CA TRP B 22 -8.38 24.67 -0.03
C TRP B 22 -8.63 26.17 -0.18
N ASP B 23 -8.14 26.95 0.78
CA ASP B 23 -8.42 28.39 0.78
C ASP B 23 -7.85 29.03 -0.48
N PHE B 24 -8.72 29.72 -1.21
CA PHE B 24 -8.41 30.34 -2.51
C PHE B 24 -8.11 29.32 -3.59
N GLY B 25 -8.43 28.05 -3.35
CA GLY B 25 -8.38 27.04 -4.39
C GLY B 25 -7.00 26.80 -4.95
N SER B 26 -6.94 26.66 -6.28
CA SER B 26 -5.69 26.44 -7.00
C SER B 26 -4.83 27.68 -7.08
N GLY B 27 -5.35 28.84 -6.66
CA GLY B 27 -4.64 30.09 -6.81
C GLY B 27 -4.64 30.65 -8.20
N VAL B 28 -5.22 29.96 -9.18
CA VAL B 28 -5.32 30.44 -10.55
C VAL B 28 -6.58 31.29 -10.68
N VAL B 29 -6.40 32.53 -11.13
CA VAL B 29 -7.51 33.42 -11.47
C VAL B 29 -7.69 33.41 -12.98
N VAL B 30 -8.94 33.26 -13.43
CA VAL B 30 -9.26 33.36 -14.84
C VAL B 30 -9.08 34.82 -15.25
N LYS B 31 -8.01 35.10 -16.01
CA LYS B 31 -7.73 36.46 -16.45
C LYS B 31 -8.89 37.04 -17.23
N GLY B 32 -9.26 38.27 -16.92
CA GLY B 32 -10.37 38.94 -17.55
C GLY B 32 -11.71 38.67 -16.91
N ALA B 33 -11.82 37.62 -16.09
CA ALA B 33 -13.05 37.28 -15.40
C ALA B 33 -12.98 37.43 -13.90
N GLY B 34 -11.78 37.34 -13.32
CA GLY B 34 -11.57 37.73 -11.95
C GLY B 34 -11.86 36.71 -10.87
N PHE B 35 -12.27 35.49 -11.23
CA PHE B 35 -12.61 34.49 -10.23
C PHE B 35 -11.57 33.39 -10.18
N LEU B 36 -11.45 32.77 -8.99
CA LEU B 36 -10.49 31.72 -8.74
C LEU B 36 -11.03 30.35 -9.14
N LEU B 37 -10.15 29.50 -9.64
CA LEU B 37 -10.49 28.10 -9.93
C LEU B 37 -10.14 27.23 -8.73
N ASN B 38 -11.02 26.26 -8.47
CA ASN B 38 -10.84 25.29 -7.41
C ASN B 38 -9.60 24.42 -7.59
N ASP B 39 -9.15 23.80 -6.49
CA ASP B 39 -8.20 22.70 -6.56
C ASP B 39 -8.89 21.44 -6.01
N GLU B 40 -10.07 21.13 -6.55
CA GLU B 40 -10.91 20.08 -5.99
C GLU B 40 -10.38 18.69 -6.33
N MET B 41 -9.52 18.59 -7.35
CA MET B 41 -9.00 17.29 -7.78
C MET B 41 -8.25 16.57 -6.66
N ASP B 42 -7.71 17.30 -5.69
CA ASP B 42 -6.97 16.66 -4.61
C ASP B 42 -7.87 15.81 -3.71
N ASP B 43 -9.19 15.91 -3.88
CA ASP B 43 -10.12 15.06 -3.14
C ASP B 43 -10.24 13.67 -3.75
N PHE B 44 -9.77 13.47 -4.98
CA PHE B 44 -9.56 12.12 -5.48
C PHE B 44 -8.43 11.45 -4.73
N SER B 45 -8.37 10.12 -4.80
CA SER B 45 -7.16 9.43 -4.37
C SER B 45 -6.19 9.45 -5.55
N SER B 46 -5.01 10.04 -5.34
CA SER B 46 -4.02 10.12 -6.41
C SER B 46 -3.23 8.83 -6.56
N LYS B 47 -3.25 7.97 -5.56
CA LYS B 47 -2.42 6.78 -5.48
C LYS B 47 -2.91 5.99 -4.27
N PRO B 48 -3.21 4.71 -4.42
CA PRO B 48 -3.84 3.97 -3.30
C PRO B 48 -2.98 4.04 -2.05
N GLY B 49 -3.61 4.37 -0.93
CA GLY B 49 -2.96 4.40 0.36
C GLY B 49 -2.23 5.69 0.70
N VAL B 50 -2.14 6.63 -0.22
CA VAL B 50 -1.47 7.90 0.00
C VAL B 50 -2.50 8.94 0.41
N ALA B 51 -2.25 9.63 1.52
CA ALA B 51 -3.19 10.59 2.06
C ALA B 51 -3.15 11.89 1.27
N ASN B 52 -4.31 12.53 1.15
CA ASN B 52 -4.42 13.83 0.51
C ASN B 52 -4.22 14.93 1.56
N ALA B 53 -4.63 16.17 1.24
CA ALA B 53 -4.35 17.30 2.11
C ALA B 53 -5.03 17.17 3.47
N PHE B 54 -6.14 16.45 3.55
CA PHE B 54 -6.87 16.30 4.81
C PHE B 54 -6.54 15.02 5.55
N GLY B 55 -5.60 14.23 5.05
CA GLY B 55 -5.18 13.03 5.72
C GLY B 55 -6.01 11.80 5.42
N VAL B 56 -6.89 11.84 4.43
CA VAL B 56 -7.76 10.72 4.12
C VAL B 56 -7.23 10.00 2.89
N VAL B 57 -7.52 8.70 2.81
CA VAL B 57 -6.97 7.84 1.78
C VAL B 57 -8.12 7.23 0.98
N GLY B 58 -7.76 6.56 -0.11
CA GLY B 58 -8.76 5.90 -0.94
C GLY B 58 -8.13 4.81 -1.77
N SER B 59 -8.96 4.22 -2.62
CA SER B 59 -8.53 3.15 -3.51
C SER B 59 -9.21 3.36 -4.86
N ASP B 60 -9.83 2.31 -5.41
CA ASP B 60 -10.40 2.44 -6.75
C ASP B 60 -11.70 3.22 -6.75
N ALA B 61 -12.52 3.08 -5.71
CA ALA B 61 -13.82 3.76 -5.72
C ALA B 61 -13.67 5.26 -5.96
N ASN B 62 -12.63 5.86 -5.40
CA ASN B 62 -12.41 7.30 -5.50
C ASN B 62 -11.17 7.63 -6.33
N ALA B 63 -10.75 6.72 -7.21
CA ALA B 63 -9.66 7.03 -8.12
C ALA B 63 -10.14 8.04 -9.17
N ILE B 64 -9.17 8.72 -9.78
CA ILE B 64 -9.48 9.69 -10.82
C ILE B 64 -10.01 9.00 -12.06
N GLU B 65 -11.14 9.49 -12.59
CA GLU B 65 -11.62 9.09 -13.90
C GLU B 65 -12.26 10.30 -14.56
N PRO B 66 -12.26 10.37 -15.89
CA PRO B 66 -12.87 11.53 -16.56
C PRO B 66 -14.36 11.63 -16.25
N GLY B 67 -14.82 12.85 -15.99
CA GLY B 67 -16.22 13.10 -15.74
C GLY B 67 -16.71 12.70 -14.37
N LYS B 68 -15.83 12.25 -13.50
CA LYS B 68 -16.18 11.71 -12.20
C LYS B 68 -16.18 12.81 -11.14
N ARG B 69 -17.15 12.72 -10.23
CA ARG B 69 -17.18 13.59 -9.07
C ARG B 69 -16.29 13.02 -7.98
N MET B 70 -15.41 13.86 -7.45
CA MET B 70 -14.51 13.46 -6.38
C MET B 70 -15.21 13.42 -5.02
N LEU B 71 -14.88 12.39 -4.26
CA LEU B 71 -15.51 12.15 -2.97
C LEU B 71 -15.37 13.37 -2.08
N SER B 72 -16.47 13.76 -1.45
CA SER B 72 -16.52 14.92 -0.59
C SER B 72 -16.79 14.51 0.85
N SER B 73 -16.54 15.44 1.77
CA SER B 73 -16.99 15.34 3.15
C SER B 73 -18.08 16.36 3.46
N MET B 74 -18.40 17.24 2.53
CA MET B 74 -19.40 18.28 2.77
C MET B 74 -20.76 17.67 3.03
N SER B 75 -21.44 18.15 4.07
CA SER B 75 -22.64 17.50 4.59
C SER B 75 -23.69 18.52 5.00
N PRO B 76 -24.17 19.35 4.07
CA PRO B 76 -25.26 20.28 4.41
C PRO B 76 -26.48 19.50 4.88
N SER B 77 -27.04 19.92 6.01
CA SER B 77 -28.01 19.09 6.72
C SER B 77 -29.23 19.88 7.16
N ILE B 78 -30.36 19.19 7.18
CA ILE B 78 -31.62 19.73 7.70
C ILE B 78 -32.26 18.65 8.54
N VAL B 79 -32.54 18.95 9.81
CA VAL B 79 -33.27 18.05 10.70
C VAL B 79 -34.73 18.51 10.72
N THR B 80 -35.65 17.54 10.68
CA THR B 80 -37.07 17.81 10.78
C THR B 80 -37.67 17.01 11.93
N ARG B 81 -38.85 17.45 12.36
CA ARG B 81 -39.63 16.74 13.36
C ARG B 81 -41.09 17.11 13.16
N ASP B 82 -41.95 16.10 12.97
CA ASP B 82 -43.36 16.31 12.70
C ASP B 82 -43.58 16.92 11.31
N GLY B 83 -42.65 16.66 10.40
CA GLY B 83 -42.74 17.21 9.06
C GLY B 83 -42.44 18.69 8.96
N HIS B 84 -41.84 19.28 9.98
CA HIS B 84 -41.44 20.68 9.97
C HIS B 84 -39.95 20.79 10.26
N VAL B 85 -39.31 21.76 9.62
CA VAL B 85 -37.89 22.00 9.89
C VAL B 85 -37.71 22.34 11.36
N SER B 86 -36.67 21.76 11.96
CA SER B 86 -36.30 22.06 13.34
C SER B 86 -34.87 22.54 13.50
N LEU B 87 -33.96 22.10 12.63
CA LEU B 87 -32.56 22.51 12.73
C LEU B 87 -31.95 22.45 11.34
N VAL B 88 -31.25 23.51 10.95
CA VAL B 88 -30.52 23.60 9.71
C VAL B 88 -29.07 23.91 10.07
N LEU B 89 -28.13 23.11 9.57
CA LEU B 89 -26.74 23.34 9.97
C LEU B 89 -25.79 22.78 8.92
N GLY B 90 -24.56 23.27 8.98
CA GLY B 90 -23.49 22.78 8.13
C GLY B 90 -22.21 23.50 8.49
N THR B 91 -21.12 23.09 7.86
CA THR B 91 -19.81 23.60 8.24
C THR B 91 -18.72 23.29 7.23
N PRO B 92 -17.67 24.10 7.15
CA PRO B 92 -16.42 23.68 6.50
C PRO B 92 -15.65 22.75 7.43
N GLY B 93 -14.49 22.30 6.95
CA GLY B 93 -13.60 21.50 7.79
C GLY B 93 -13.01 20.27 7.13
N GLY B 94 -13.27 20.08 5.84
CA GLY B 94 -12.76 18.91 5.14
C GLY B 94 -13.25 17.62 5.78
N SER B 95 -12.32 16.72 6.08
CA SER B 95 -12.69 15.45 6.69
C SER B 95 -13.24 15.59 8.10
N ARG B 96 -13.19 16.80 8.67
CA ARG B 96 -13.79 17.06 9.97
C ARG B 96 -15.26 17.46 9.89
N ILE B 97 -15.80 17.62 8.69
CA ILE B 97 -17.13 18.22 8.53
C ILE B 97 -18.19 17.35 9.20
N PHE B 98 -18.25 16.07 8.84
CA PHE B 98 -19.36 15.27 9.37
C PHE B 98 -19.15 14.87 10.83
N THR B 99 -17.90 14.80 11.30
CA THR B 99 -17.70 14.58 12.74
C THR B 99 -18.05 15.84 13.54
N SER B 100 -17.82 17.04 12.98
CA SER B 100 -18.26 18.24 13.69
C SER B 100 -19.78 18.35 13.72
N ILE B 101 -20.46 18.03 12.61
CA ILE B 101 -21.93 18.04 12.63
C ILE B 101 -22.44 17.01 13.63
N PHE B 102 -21.81 15.83 13.66
CA PHE B 102 -22.18 14.81 14.62
C PHE B 102 -22.13 15.35 16.04
N GLN B 103 -21.02 15.99 16.39
CA GLN B 103 -20.87 16.52 17.75
C GLN B 103 -21.94 17.57 18.05
N VAL B 104 -22.15 18.52 17.15
CA VAL B 104 -23.17 19.54 17.38
C VAL B 104 -24.55 18.89 17.54
N LEU B 105 -24.85 17.88 16.73
CA LEU B 105 -26.11 17.16 16.90
C LEU B 105 -26.19 16.52 18.29
N ASN B 106 -25.12 15.85 18.73
CA ASN B 106 -25.15 15.29 20.08
C ASN B 106 -25.34 16.40 21.13
N ASN B 107 -24.66 17.52 20.95
CA ASN B 107 -24.76 18.62 21.91
C ASN B 107 -26.20 19.13 22.00
N VAL B 108 -26.91 19.16 20.88
CA VAL B 108 -28.28 19.67 20.86
C VAL B 108 -29.25 18.64 21.40
N TYR B 109 -29.13 17.39 20.99
CA TYR B 109 -30.17 16.40 21.21
C TYR B 109 -29.89 15.44 22.35
N ASP B 110 -28.63 15.20 22.69
CA ASP B 110 -28.29 14.37 23.85
C ASP B 110 -28.01 15.20 25.09
N PHE B 111 -27.20 16.25 24.98
CA PHE B 111 -26.86 17.09 26.13
C PHE B 111 -27.77 18.28 26.28
N HIS B 112 -28.65 18.53 25.31
CA HIS B 112 -29.71 19.52 25.42
C HIS B 112 -29.16 20.93 25.65
N LEU B 113 -28.06 21.23 24.97
CA LEU B 113 -27.41 22.51 25.15
C LEU B 113 -28.10 23.58 24.32
N PRO B 114 -28.13 24.83 24.80
CA PRO B 114 -28.56 25.94 23.95
C PRO B 114 -27.76 25.92 22.66
N LEU B 115 -28.40 26.30 21.56
CA LEU B 115 -27.74 26.21 20.26
C LEU B 115 -26.38 26.91 20.27
N GLU B 116 -26.33 28.13 20.84
CA GLU B 116 -25.06 28.86 20.91
C GLU B 116 -23.98 28.05 21.61
N LYS B 117 -24.34 27.39 22.72
CA LYS B 117 -23.35 26.59 23.44
C LYS B 117 -23.01 25.32 22.67
N ALA B 118 -24.00 24.73 21.99
CA ALA B 118 -23.75 23.52 21.21
C ALA B 118 -22.72 23.77 20.11
N VAL B 119 -22.75 24.98 19.53
CA VAL B 119 -21.84 25.34 18.44
C VAL B 119 -20.50 25.82 18.99
N ALA B 120 -20.51 26.50 20.12
CA ALA B 120 -19.27 27.00 20.71
C ALA B 120 -18.44 25.91 21.38
N ALA B 121 -19.06 24.79 21.73
CA ALA B 121 -18.36 23.78 22.51
C ALA B 121 -17.15 23.24 21.74
N GLN B 122 -16.12 22.88 22.51
CA GLN B 122 -14.97 22.15 21.98
C GLN B 122 -15.40 21.02 21.06
N ARG B 123 -14.66 20.86 19.96
CA ARG B 123 -14.84 19.75 19.04
C ARG B 123 -13.49 19.13 18.73
N VAL B 124 -13.46 17.82 18.59
CA VAL B 124 -12.22 17.09 18.30
C VAL B 124 -12.52 16.09 17.19
N HIS B 125 -11.45 15.49 16.67
CA HIS B 125 -11.56 14.68 15.47
C HIS B 125 -10.57 13.54 15.45
N HIS B 126 -11.04 12.35 15.06
CA HIS B 126 -10.19 11.20 14.81
C HIS B 126 -10.66 10.54 13.53
N GLN B 127 -9.73 10.02 12.73
CA GLN B 127 -10.10 9.49 11.42
C GLN B 127 -9.27 8.25 11.05
N LEU B 128 -8.96 7.43 12.05
CA LEU B 128 -8.31 6.13 11.88
C LEU B 128 -6.84 6.27 11.47
N LEU B 129 -6.60 7.02 10.39
CA LEU B 129 -5.27 7.38 9.97
C LEU B 129 -5.16 8.90 9.93
N PRO B 130 -4.12 9.50 10.52
CA PRO B 130 -3.00 8.89 11.25
C PRO B 130 -3.43 8.09 12.48
N LYS B 131 -2.69 7.01 12.77
CA LYS B 131 -3.07 6.08 13.81
C LYS B 131 -3.25 6.76 15.16
N ASP B 132 -4.41 6.52 15.77
CA ASP B 132 -4.70 6.94 17.15
C ASP B 132 -4.38 8.41 17.39
N THR B 133 -4.60 9.25 16.38
CA THR B 133 -4.32 10.67 16.48
C THR B 133 -5.63 11.43 16.57
N ILE B 134 -5.77 12.25 17.60
CA ILE B 134 -6.96 13.06 17.83
C ILE B 134 -6.57 14.51 17.61
N TYR B 135 -7.26 15.17 16.70
CA TYR B 135 -6.98 16.55 16.34
C TYR B 135 -7.87 17.49 17.15
N TYR B 136 -7.31 18.64 17.52
CA TYR B 136 -8.04 19.72 18.16
C TYR B 136 -7.63 21.02 17.49
N ASP B 137 -8.36 22.09 17.75
CA ASP B 137 -7.98 23.40 17.23
C ASP B 137 -7.49 24.29 18.36
N ALA B 138 -6.93 25.44 17.97
CA ALA B 138 -6.43 26.39 18.96
C ALA B 138 -7.55 27.17 19.61
N TYR B 139 -8.76 27.12 19.06
CA TYR B 139 -9.90 27.77 19.69
C TYR B 139 -10.25 27.12 21.02
N ALA B 140 -10.22 25.79 21.07
CA ALA B 140 -10.59 25.02 22.25
C ALA B 140 -9.68 23.80 22.32
N PRO B 141 -8.40 24.00 22.64
CA PRO B 141 -7.46 22.87 22.60
C PRO B 141 -7.75 21.86 23.68
N LEU B 142 -7.39 20.61 23.41
CA LEU B 142 -7.44 19.58 24.43
C LEU B 142 -6.32 19.83 25.43
N THR B 143 -6.67 19.97 26.70
CA THR B 143 -5.71 20.31 27.72
C THR B 143 -6.11 19.67 29.03
N GLY B 144 -5.18 19.69 29.98
CA GLY B 144 -5.49 19.35 31.35
C GLY B 144 -5.81 17.88 31.55
N LYS B 145 -6.75 17.63 32.45
CA LYS B 145 -7.07 16.26 32.86
C LYS B 145 -7.47 15.40 31.67
N VAL B 146 -8.37 15.91 30.82
CA VAL B 146 -8.87 15.10 29.72
C VAL B 146 -7.74 14.73 28.76
N ALA B 147 -6.84 15.68 28.48
CA ALA B 147 -5.74 15.40 27.58
C ALA B 147 -4.81 14.35 28.17
N ASP B 148 -4.47 14.49 29.45
CA ASP B 148 -3.61 13.51 30.11
C ASP B 148 -4.24 12.12 30.06
N GLU B 149 -5.55 12.05 30.27
CA GLU B 149 -6.22 10.75 30.31
C GLU B 149 -6.27 10.10 28.94
N LEU B 150 -6.51 10.90 27.89
CA LEU B 150 -6.49 10.35 26.54
C LEU B 150 -5.09 9.91 26.14
N LYS B 151 -4.07 10.71 26.49
CA LYS B 151 -2.70 10.32 26.21
C LYS B 151 -2.33 9.04 26.97
N ALA B 152 -2.84 8.88 28.20
CA ALA B 152 -2.54 7.68 28.95
C ALA B 152 -3.10 6.44 28.27
N MET B 153 -4.20 6.59 27.53
CA MET B 153 -4.77 5.47 26.80
C MET B 153 -3.96 5.11 25.56
N GLY B 154 -3.10 6.01 25.10
CA GLY B 154 -2.30 5.78 23.93
C GLY B 154 -2.57 6.68 22.75
N TYR B 155 -3.41 7.72 22.93
CA TYR B 155 -3.68 8.65 21.85
C TYR B 155 -2.58 9.69 21.71
N THR B 156 -2.33 10.10 20.48
CA THR B 156 -1.55 11.30 20.18
C THR B 156 -2.53 12.45 19.94
N LEU B 157 -2.32 13.58 20.63
CA LEU B 157 -3.15 14.76 20.47
C LEU B 157 -2.37 15.81 19.69
N GLU B 158 -2.99 16.35 18.65
CA GLU B 158 -2.32 17.27 17.74
C GLU B 158 -3.20 18.46 17.44
N ASP B 159 -2.63 19.66 17.54
CA ASP B 159 -3.31 20.88 17.09
C ASP B 159 -3.21 20.93 15.57
N GLN B 160 -4.35 20.85 14.88
CA GLN B 160 -4.33 20.78 13.43
C GLN B 160 -4.01 22.11 12.77
N GLY B 161 -3.95 23.20 13.52
CA GLY B 161 -3.48 24.45 12.98
C GLY B 161 -4.51 25.25 12.22
N TRP B 162 -5.77 24.88 12.31
CA TRP B 162 -6.86 25.68 11.77
C TRP B 162 -8.10 25.27 12.55
N ASN B 163 -9.05 26.18 12.67
CA ASN B 163 -10.17 25.93 13.57
C ASN B 163 -11.03 24.80 13.04
N MET B 164 -11.68 24.12 13.97
CA MET B 164 -12.35 22.84 13.72
C MET B 164 -13.78 23.10 13.26
N GLY B 165 -13.88 23.72 12.08
CA GLY B 165 -15.15 24.03 11.49
C GLY B 165 -15.58 25.47 11.73
N ASP B 166 -16.80 25.74 11.30
CA ASP B 166 -17.39 27.08 11.34
C ASP B 166 -18.89 26.87 11.14
N ILE B 167 -19.55 26.32 12.17
CA ILE B 167 -20.95 25.94 12.08
C ILE B 167 -21.83 27.18 11.92
N GLN B 168 -22.73 27.14 10.94
CA GLN B 168 -23.77 28.14 10.76
C GLN B 168 -25.10 27.42 10.85
N ALA B 169 -25.91 27.77 11.86
CA ALA B 169 -27.07 26.96 12.20
C ALA B 169 -28.29 27.82 12.53
N ILE B 170 -29.46 27.25 12.26
CA ILE B 170 -30.75 27.85 12.62
C ILE B 170 -31.56 26.77 13.33
N ARG B 171 -32.18 27.12 14.44
CA ARG B 171 -33.09 26.25 15.16
C ARG B 171 -34.48 26.86 15.15
N VAL B 172 -35.49 26.03 14.90
CA VAL B 172 -36.88 26.44 14.90
C VAL B 172 -37.55 25.75 16.07
N ASN B 173 -38.12 26.54 16.99
CA ASN B 173 -38.86 26.04 18.14
C ASN B 173 -40.29 26.50 17.96
N GLY B 174 -41.15 25.62 17.45
CA GLY B 174 -42.50 26.02 17.09
C GLY B 174 -42.48 26.98 15.92
N LYS B 175 -42.97 28.20 16.12
CA LYS B 175 -42.93 29.24 15.11
C LYS B 175 -41.76 30.20 15.31
N ALA B 176 -40.99 30.05 16.38
CA ALA B 176 -39.88 30.94 16.69
C ALA B 176 -38.57 30.39 16.16
N LEU B 177 -37.66 31.32 15.82
CA LEU B 177 -36.38 30.97 15.24
C LEU B 177 -35.26 31.58 16.05
N GLU B 178 -34.12 30.89 16.09
CA GLU B 178 -32.90 31.46 16.62
C GLU B 178 -31.76 31.01 15.72
N THR B 179 -30.67 31.78 15.72
CA THR B 179 -29.51 31.47 14.90
C THR B 179 -28.27 31.36 15.77
N ALA B 180 -27.29 30.63 15.26
CA ALA B 180 -25.99 30.53 15.90
C ALA B 180 -24.92 30.57 14.83
N SER B 181 -23.92 31.45 15.03
CA SER B 181 -22.76 31.53 14.16
C SER B 181 -21.52 31.15 14.96
N ASP B 182 -20.69 30.28 14.39
CA ASP B 182 -19.60 29.69 15.16
C ASP B 182 -18.64 30.77 15.64
N PRO B 183 -18.29 30.80 16.94
CA PRO B 183 -17.30 31.78 17.40
C PRO B 183 -15.92 31.58 16.81
N ARG B 184 -15.68 30.46 16.14
CA ARG B 184 -14.41 30.25 15.45
C ARG B 184 -14.27 31.12 14.22
N GLY B 185 -15.37 31.64 13.68
CA GLY B 185 -15.33 32.44 12.47
C GLY B 185 -16.04 33.78 12.61
N ARG B 186 -16.28 34.46 11.48
CA ARG B 186 -16.83 35.80 11.48
C ARG B 186 -18.29 35.82 11.04
N GLY B 187 -18.99 34.71 11.25
CA GLY B 187 -20.36 34.61 10.78
C GLY B 187 -21.32 35.52 11.52
N VAL B 188 -22.46 35.75 10.87
CA VAL B 188 -23.53 36.59 11.40
C VAL B 188 -24.85 35.91 11.10
N GLY B 189 -25.74 35.91 12.11
CA GLY B 189 -27.08 35.39 11.93
C GLY B 189 -28.09 36.49 12.18
N MET B 190 -29.25 36.35 11.55
CA MET B 190 -30.32 37.32 11.70
C MET B 190 -31.66 36.60 11.57
N VAL B 191 -32.60 36.96 12.44
CA VAL B 191 -34.00 36.60 12.25
C VAL B 191 -34.68 37.75 11.53
N VAL B 192 -35.46 37.44 10.52
CA VAL B 192 -35.99 38.42 9.57
C VAL B 192 -37.51 38.41 9.71
N LYS B 193 -38.04 39.46 10.34
CA LYS B 193 -39.48 39.51 10.56
C LYS B 193 -40.18 39.96 9.28
N PRO B 194 -41.32 39.33 8.92
CA PRO B 194 -42.01 39.72 7.68
C PRO B 194 -42.71 41.05 7.83
N THR C 26 32.95 -1.02 -18.60
CA THR C 26 31.69 -0.64 -19.25
C THR C 26 31.30 -1.69 -20.29
N LEU C 27 30.28 -2.48 -19.97
CA LEU C 27 29.82 -3.55 -20.83
C LEU C 27 28.91 -2.98 -21.93
N ASP C 28 28.49 -3.86 -22.85
CA ASP C 28 27.55 -3.47 -23.90
C ASP C 28 26.15 -3.20 -23.35
N GLY C 29 25.91 -3.55 -22.09
CA GLY C 29 24.60 -3.35 -21.48
C GLY C 29 24.59 -4.04 -20.13
N GLY C 30 23.38 -4.18 -19.59
CA GLY C 30 23.14 -5.01 -18.43
C GLY C 30 22.32 -6.23 -18.85
N ALA C 31 21.99 -7.05 -17.86
CA ALA C 31 21.25 -8.26 -18.15
C ALA C 31 20.56 -8.79 -16.91
N VAL C 32 19.48 -9.52 -17.12
CA VAL C 32 18.77 -10.20 -16.06
C VAL C 32 18.38 -11.59 -16.55
N ALA C 33 18.50 -12.57 -15.67
CA ALA C 33 17.91 -13.89 -15.87
C ALA C 33 17.03 -14.13 -14.66
N ALA C 34 15.72 -14.08 -14.84
CA ALA C 34 14.77 -14.14 -13.74
C ALA C 34 13.84 -15.33 -13.90
N PRO C 35 13.27 -15.81 -12.80
CA PRO C 35 12.47 -17.04 -12.86
C PRO C 35 11.06 -16.85 -13.43
N ASP C 36 10.62 -15.63 -13.71
CA ASP C 36 9.40 -15.44 -14.50
C ASP C 36 9.52 -14.13 -15.28
N GLN C 37 8.51 -13.87 -16.13
CA GLN C 37 8.57 -12.73 -17.03
C GLN C 37 8.49 -11.41 -16.28
N TYR C 38 7.89 -11.42 -15.10
CA TYR C 38 7.65 -10.17 -14.37
C TYR C 38 8.92 -9.70 -13.67
N GLY C 39 9.65 -10.61 -13.02
CA GLY C 39 10.94 -10.23 -12.47
C GLY C 39 11.89 -9.73 -13.54
N ALA C 40 11.89 -10.39 -14.70
CA ALA C 40 12.76 -9.96 -15.80
C ALA C 40 12.37 -8.57 -16.28
N LYS C 41 11.09 -8.33 -16.48
CA LYS C 41 10.62 -7.03 -16.94
C LYS C 41 11.06 -5.93 -16.00
N VAL C 42 10.82 -6.14 -14.69
CA VAL C 42 11.12 -5.11 -13.69
C VAL C 42 12.61 -4.87 -13.57
N ALA C 43 13.41 -5.95 -13.56
CA ALA C 43 14.85 -5.76 -13.50
C ALA C 43 15.36 -4.94 -14.66
N ALA C 44 14.87 -5.24 -15.87
CA ALA C 44 15.30 -4.50 -17.05
C ALA C 44 14.88 -3.04 -16.97
N GLU C 45 13.67 -2.78 -16.48
CA GLU C 45 13.21 -1.41 -16.37
C GLU C 45 14.05 -0.61 -15.37
N ILE C 46 14.42 -1.24 -14.26
CA ILE C 46 15.23 -0.53 -13.26
C ILE C 46 16.61 -0.23 -13.80
N LEU C 47 17.24 -1.21 -14.46
CA LEU C 47 18.51 -0.96 -15.12
C LEU C 47 18.39 0.15 -16.14
N LYS C 48 17.28 0.19 -16.88
CA LYS C 48 17.09 1.24 -17.88
C LYS C 48 16.97 2.61 -17.22
N LYS C 49 16.25 2.69 -16.09
CA LYS C 49 16.04 3.95 -15.39
C LYS C 49 17.26 4.42 -14.62
N GLY C 50 18.39 3.72 -14.69
CA GLY C 50 19.61 4.19 -14.07
C GLY C 50 19.99 3.51 -12.78
N GLY C 51 19.18 2.58 -12.31
CA GLY C 51 19.56 1.79 -11.16
C GLY C 51 20.69 0.83 -11.48
N ASN C 52 21.43 0.47 -10.44
CA ASN C 52 22.51 -0.50 -10.57
C ASN C 52 21.96 -1.89 -10.30
N ALA C 53 22.85 -2.89 -10.27
CA ALA C 53 22.41 -4.27 -10.12
C ALA C 53 21.67 -4.48 -8.80
N VAL C 54 22.06 -3.72 -7.77
CA VAL C 54 21.42 -3.88 -6.47
C VAL C 54 20.02 -3.26 -6.47
N ASP C 55 19.88 -2.06 -7.04
CA ASP C 55 18.53 -1.50 -7.20
C ASP C 55 17.63 -2.49 -7.94
N ALA C 56 18.12 -3.03 -9.06
CA ALA C 56 17.33 -3.97 -9.85
C ALA C 56 16.99 -5.22 -9.04
N ALA C 57 17.97 -5.73 -8.28
CA ALA C 57 17.73 -6.94 -7.50
C ALA C 57 16.65 -6.72 -6.44
N VAL C 58 16.69 -5.58 -5.75
CA VAL C 58 15.67 -5.30 -4.73
C VAL C 58 14.28 -5.22 -5.36
N ALA C 59 14.15 -4.46 -6.46
CA ALA C 59 12.86 -4.38 -7.13
C ALA C 59 12.40 -5.75 -7.61
N THR C 60 13.35 -6.57 -8.11
CA THR C 60 13.00 -7.89 -8.61
C THR C 60 12.53 -8.80 -7.47
N ALA C 61 13.22 -8.77 -6.33
CA ALA C 61 12.84 -9.64 -5.22
C ALA C 61 11.46 -9.27 -4.67
N PHE C 62 11.14 -7.98 -4.61
CA PHE C 62 9.80 -7.61 -4.18
C PHE C 62 8.75 -7.99 -5.22
N THR C 63 9.07 -7.83 -6.51
CA THR C 63 8.14 -8.25 -7.55
C THR C 63 7.80 -9.73 -7.44
N LEU C 64 8.82 -10.58 -7.27
CA LEU C 64 8.58 -12.02 -7.21
C LEU C 64 7.88 -12.43 -5.92
N ALA C 65 7.94 -11.59 -4.88
CA ALA C 65 7.14 -11.81 -3.69
C ALA C 65 5.65 -11.70 -3.99
N VAL C 66 5.29 -11.04 -5.09
CA VAL C 66 3.90 -10.93 -5.51
C VAL C 66 3.56 -11.99 -6.56
N THR C 67 4.39 -12.11 -7.60
CA THR C 67 4.06 -12.92 -8.76
C THR C 67 4.58 -14.35 -8.67
N TYR C 68 5.46 -14.65 -7.70
N TYR C 68 5.40 -14.63 -7.66
CA TYR C 68 6.04 -15.99 -7.55
CA TYR C 68 6.07 -15.93 -7.52
C TYR C 68 5.90 -16.45 -6.10
C TYR C 68 5.92 -16.39 -6.08
N PRO C 69 4.68 -16.40 -5.55
CA PRO C 69 4.51 -16.62 -4.11
C PRO C 69 4.87 -18.00 -3.60
N GLU C 70 4.98 -19.00 -4.48
CA GLU C 70 5.44 -20.29 -4.00
C GLU C 70 6.86 -20.22 -3.45
N ALA C 71 7.63 -19.19 -3.81
CA ALA C 71 9.01 -19.09 -3.37
C ALA C 71 9.48 -17.65 -3.16
N GLY C 72 9.25 -16.77 -4.13
CA GLY C 72 9.46 -15.36 -3.86
C GLY C 72 8.62 -14.93 -2.68
N ASN C 73 9.16 -14.00 -1.88
CA ASN C 73 8.58 -13.83 -0.56
C ASN C 73 9.03 -12.55 0.12
N ILE C 74 8.21 -12.11 1.08
CA ILE C 74 8.67 -11.29 2.20
C ILE C 74 8.60 -12.03 3.52
N GLY C 75 8.04 -13.24 3.56
CA GLY C 75 7.91 -14.02 4.77
C GLY C 75 8.90 -15.15 4.93
N GLY C 76 9.93 -15.19 4.09
CA GLY C 76 10.99 -16.17 4.19
C GLY C 76 12.36 -15.53 4.35
N GLY C 77 13.36 -16.06 3.66
CA GLY C 77 14.72 -15.56 3.80
C GLY C 77 15.56 -16.04 2.65
N GLY C 78 16.83 -15.66 2.68
CA GLY C 78 17.69 -16.01 1.55
C GLY C 78 19.07 -15.42 1.69
N PHE C 79 19.80 -15.46 0.58
CA PHE C 79 21.20 -15.10 0.51
C PHE C 79 21.43 -14.27 -0.74
N MET C 80 22.32 -13.29 -0.66
CA MET C 80 22.72 -12.48 -1.81
C MET C 80 24.23 -12.48 -1.93
N THR C 81 24.75 -12.89 -3.08
CA THR C 81 26.15 -12.71 -3.42
C THR C 81 26.26 -11.54 -4.41
N LEU C 82 27.25 -10.68 -4.20
CA LEU C 82 27.40 -9.45 -4.96
C LEU C 82 28.85 -9.28 -5.41
N TYR C 83 29.03 -8.62 -6.55
CA TYR C 83 30.34 -8.17 -7.01
C TYR C 83 30.17 -6.71 -7.42
N VAL C 84 30.64 -5.79 -6.60
CA VAL C 84 30.41 -4.36 -6.78
C VAL C 84 31.75 -3.64 -6.79
N ASP C 85 31.95 -2.83 -7.82
CA ASP C 85 33.20 -2.10 -8.03
C ASP C 85 34.41 -3.00 -7.78
N GLY C 86 34.34 -4.21 -8.35
CA GLY C 86 35.46 -5.12 -8.30
C GLY C 86 35.72 -5.77 -6.96
N LYS C 87 34.74 -5.78 -6.06
CA LYS C 87 34.91 -6.41 -4.76
C LYS C 87 33.73 -7.31 -4.45
N PRO C 88 33.97 -8.47 -3.84
CA PRO C 88 32.87 -9.40 -3.54
C PRO C 88 32.28 -9.18 -2.16
N TYR C 89 30.98 -9.46 -2.07
CA TYR C 89 30.24 -9.30 -0.82
C TYR C 89 29.23 -10.44 -0.70
N PHE C 90 28.76 -10.65 0.52
CA PHE C 90 27.73 -11.66 0.76
C PHE C 90 26.84 -11.21 1.89
N LEU C 91 25.53 -11.28 1.65
CA LEU C 91 24.53 -10.84 2.61
C LEU C 91 23.69 -12.04 3.01
N ASP C 92 23.66 -12.33 4.29
CA ASP C 92 22.91 -13.44 4.87
C ASP C 92 21.64 -12.86 5.49
N TYR C 93 20.50 -13.12 4.86
CA TYR C 93 19.21 -12.80 5.42
C TYR C 93 18.36 -14.06 5.59
N ARG C 94 19.03 -15.09 6.09
CA ARG C 94 18.41 -16.36 6.45
C ARG C 94 17.55 -16.18 7.70
N GLU C 95 16.43 -16.91 7.77
CA GLU C 95 15.61 -16.85 8.97
C GLU C 95 16.39 -17.39 10.18
N ILE C 96 15.94 -16.99 11.38
CA ILE C 96 16.49 -17.53 12.62
C ILE C 96 15.37 -18.23 13.39
N ALA C 97 15.77 -19.19 14.21
CA ALA C 97 14.81 -19.87 15.08
C ALA C 97 14.22 -18.87 16.07
N PRO C 98 12.91 -18.93 16.35
CA PRO C 98 12.35 -18.10 17.42
C PRO C 98 12.99 -18.40 18.76
N LYS C 99 13.02 -17.38 19.63
CA LYS C 99 13.67 -17.51 20.93
C LYS C 99 13.06 -18.63 21.76
N ALA C 100 11.81 -19.00 21.52
CA ALA C 100 11.17 -20.06 22.26
C ALA C 100 11.37 -21.43 21.63
N ALA C 101 12.14 -21.52 20.54
CA ALA C 101 12.41 -22.80 19.90
C ALA C 101 13.32 -23.66 20.78
N THR C 102 13.15 -24.98 20.66
CA THR C 102 13.90 -25.92 21.48
C THR C 102 14.29 -27.14 20.65
N LYS C 103 15.33 -27.83 21.12
CA LYS C 103 15.90 -28.92 20.34
C LYS C 103 14.86 -29.97 19.97
N THR C 104 13.96 -30.31 20.90
CA THR C 104 13.05 -31.42 20.70
C THR C 104 11.63 -30.98 20.35
N MET C 105 11.46 -29.77 19.80
CA MET C 105 10.13 -29.21 19.63
C MET C 105 9.26 -29.97 18.65
N TYR C 106 9.85 -30.79 17.76
CA TYR C 106 9.07 -31.52 16.76
C TYR C 106 8.98 -33.01 17.06
N LEU C 107 9.20 -33.41 18.31
CA LEU C 107 9.13 -34.80 18.71
C LEU C 107 7.91 -35.03 19.59
N ASN C 108 7.34 -36.22 19.47
CA ASN C 108 6.18 -36.61 20.26
C ASN C 108 6.64 -37.36 21.51
N GLU C 109 5.69 -37.78 22.34
CA GLU C 109 6.04 -38.33 23.64
C GLU C 109 6.81 -39.64 23.54
N LYS C 110 6.84 -40.28 22.38
CA LYS C 110 7.70 -41.43 22.15
C LYS C 110 9.03 -41.03 21.52
N GLY C 111 9.31 -39.74 21.42
CA GLY C 111 10.55 -39.28 20.84
C GLY C 111 10.60 -39.38 19.33
N GLU C 112 9.46 -39.55 18.68
CA GLU C 112 9.39 -39.63 17.23
C GLU C 112 8.98 -38.28 16.64
N VAL C 113 9.51 -37.98 15.46
CA VAL C 113 9.22 -36.71 14.80
C VAL C 113 7.75 -36.67 14.41
N ILE C 114 7.09 -35.57 14.72
CA ILE C 114 5.67 -35.42 14.41
C ILE C 114 5.52 -35.06 12.94
N GLU C 115 4.72 -35.86 12.23
CA GLU C 115 4.59 -35.71 10.79
C GLU C 115 4.11 -34.31 10.44
N ASN C 116 4.94 -33.57 9.71
CA ASN C 116 4.65 -32.31 9.07
C ASN C 116 4.62 -31.13 10.04
N LEU C 117 4.92 -31.33 11.33
CA LEU C 117 4.91 -30.21 12.27
C LEU C 117 5.97 -29.17 11.92
N SER C 118 7.08 -29.61 11.33
CA SER C 118 8.14 -28.69 10.91
C SER C 118 7.92 -28.16 9.48
N LEU C 119 6.78 -28.49 8.87
CA LEU C 119 6.56 -28.14 7.47
C LEU C 119 5.23 -27.44 7.25
N VAL C 120 4.22 -27.74 8.06
CA VAL C 120 2.88 -27.21 7.90
C VAL C 120 2.48 -26.50 9.19
N GLY C 121 1.99 -25.28 9.07
CA GLY C 121 1.48 -24.54 10.21
C GLY C 121 2.50 -23.56 10.77
N ALA C 122 2.04 -22.78 11.76
CA ALA C 122 2.82 -21.64 12.22
C ALA C 122 4.10 -22.05 12.93
N LYS C 123 4.12 -23.23 13.57
CA LYS C 123 5.30 -23.64 14.31
C LYS C 123 6.46 -24.02 13.39
N ALA C 124 6.23 -24.14 12.09
CA ALA C 124 7.27 -24.45 11.12
C ALA C 124 8.07 -23.23 10.68
N ALA C 125 7.73 -22.05 11.16
CA ALA C 125 8.28 -20.80 10.61
C ALA C 125 9.46 -20.31 11.44
N GLY C 126 10.54 -19.92 10.74
CA GLY C 126 11.56 -19.07 11.33
C GLY C 126 11.21 -17.60 11.16
N VAL C 127 11.94 -16.75 11.87
CA VAL C 127 11.73 -15.30 11.81
C VAL C 127 12.15 -14.80 10.43
N PRO C 128 11.25 -14.18 9.66
CA PRO C 128 11.59 -13.81 8.28
C PRO C 128 12.71 -12.78 8.19
N GLY C 129 13.56 -12.94 7.17
CA GLY C 129 14.69 -12.05 6.95
C GLY C 129 14.69 -11.26 5.67
N THR C 130 13.81 -11.58 4.72
CA THR C 130 13.92 -11.01 3.38
C THR C 130 13.82 -9.48 3.38
N VAL C 131 12.85 -8.93 4.12
CA VAL C 131 12.68 -7.48 4.10
C VAL C 131 13.92 -6.78 4.64
N MET C 132 14.48 -7.29 5.75
CA MET C 132 15.70 -6.71 6.30
C MET C 132 16.88 -6.86 5.34
N GLY C 133 16.98 -8.00 4.66
CA GLY C 133 18.09 -8.21 3.74
C GLY C 133 18.05 -7.29 2.53
N LEU C 134 16.88 -7.15 1.92
CA LEU C 134 16.77 -6.24 0.79
C LEU C 134 17.04 -4.80 1.21
N TRP C 135 16.56 -4.42 2.40
CA TRP C 135 16.89 -3.12 2.97
C TRP C 135 18.40 -2.92 3.09
N GLU C 136 19.07 -3.87 3.74
CA GLU C 136 20.51 -3.73 3.95
C GLU C 136 21.26 -3.62 2.64
N ALA C 137 20.91 -4.46 1.66
CA ALA C 137 21.56 -4.38 0.35
C ALA C 137 21.36 -2.99 -0.25
N HIS C 138 20.12 -2.50 -0.23
CA HIS C 138 19.86 -1.19 -0.81
C HIS C 138 20.54 -0.08 -0.02
N GLN C 139 20.50 -0.15 1.32
CA GLN C 139 21.14 0.90 2.11
C GLN C 139 22.62 1.03 1.75
N ARG C 140 23.28 -0.11 1.52
CA ARG C 140 24.71 -0.11 1.28
C ARG C 140 25.07 0.28 -0.15
N PHE C 141 24.37 -0.26 -1.14
CA PHE C 141 24.78 -0.10 -2.54
C PHE C 141 23.79 0.59 -3.46
N GLY C 142 22.54 0.80 -3.05
CA GLY C 142 21.53 1.27 -3.98
C GLY C 142 21.75 2.70 -4.44
N LYS C 143 21.34 2.97 -5.69
CA LYS C 143 21.41 4.32 -6.24
C LYS C 143 20.06 5.00 -6.37
N LEU C 144 18.96 4.25 -6.39
CA LEU C 144 17.63 4.82 -6.52
C LEU C 144 16.90 4.81 -5.18
N LYS C 145 15.85 5.62 -5.11
CA LYS C 145 15.07 5.73 -3.88
C LYS C 145 14.37 4.40 -3.55
N TRP C 146 14.38 4.06 -2.27
CA TRP C 146 13.77 2.81 -1.81
C TRP C 146 12.32 2.67 -2.28
N SER C 147 11.50 3.71 -2.05
CA SER C 147 10.09 3.62 -2.40
C SER C 147 9.90 3.32 -3.88
N GLU C 148 10.79 3.85 -4.72
CA GLU C 148 10.72 3.65 -6.17
C GLU C 148 10.99 2.21 -6.56
N LEU C 149 11.70 1.45 -5.73
CA LEU C 149 11.97 0.05 -6.03
C LEU C 149 10.81 -0.85 -5.63
N LEU C 150 9.90 -0.35 -4.80
CA LEU C 150 8.72 -1.09 -4.39
C LEU C 150 7.53 -0.86 -5.31
N THR C 151 7.50 0.24 -6.06
CA THR C 151 6.33 0.56 -6.87
C THR C 151 5.97 -0.53 -7.87
N PRO C 152 6.92 -1.17 -8.57
CA PRO C 152 6.52 -2.23 -9.50
C PRO C 152 5.75 -3.35 -8.84
N ALA C 153 6.28 -3.88 -7.73
CA ALA C 153 5.62 -4.98 -7.03
C ALA C 153 4.25 -4.55 -6.51
N ILE C 154 4.13 -3.32 -6.01
CA ILE C 154 2.83 -2.84 -5.54
C ILE C 154 1.82 -2.86 -6.68
N GLY C 155 2.28 -2.56 -7.90
CA GLY C 155 1.38 -2.54 -9.04
C GLY C 155 0.90 -3.92 -9.44
N TYR C 156 1.78 -4.92 -9.37
CA TYR C 156 1.36 -6.29 -9.64
C TYR C 156 0.43 -6.81 -8.55
N ALA C 157 0.66 -6.39 -7.30
CA ALA C 157 -0.26 -6.75 -6.24
C ALA C 157 -1.61 -6.07 -6.43
N GLN C 158 -1.61 -4.80 -6.85
CA GLN C 158 -2.86 -4.06 -6.99
C GLN C 158 -3.65 -4.53 -8.20
N THR C 159 -3.01 -4.56 -9.38
CA THR C 159 -3.72 -4.81 -10.62
C THR C 159 -3.60 -6.25 -11.12
N GLY C 160 -2.62 -7.00 -10.64
CA GLY C 160 -2.59 -8.43 -10.82
C GLY C 160 -1.46 -8.87 -11.75
N PHE C 161 -1.27 -10.19 -11.76
CA PHE C 161 -0.42 -10.87 -12.73
C PHE C 161 -1.13 -12.13 -13.18
N LYS C 162 -0.64 -12.73 -14.26
CA LYS C 162 -1.25 -13.93 -14.82
C LYS C 162 -0.61 -15.17 -14.22
N VAL C 163 -1.45 -16.05 -13.66
CA VAL C 163 -0.96 -17.25 -12.99
C VAL C 163 -0.36 -18.20 -14.01
N ALA C 164 0.69 -18.91 -13.58
CA ALA C 164 1.43 -19.81 -14.46
C ALA C 164 0.97 -21.26 -14.29
N ASP C 165 1.32 -22.09 -15.29
CA ASP C 165 0.94 -23.49 -15.26
C ASP C 165 1.51 -24.21 -14.04
N GLN C 166 2.83 -24.12 -13.85
CA GLN C 166 3.45 -24.80 -12.72
C GLN C 166 2.90 -24.30 -11.39
N GLN C 167 2.52 -23.02 -11.35
CA GLN C 167 2.01 -22.40 -10.14
C GLN C 167 0.66 -22.98 -9.74
N TYR C 168 -0.19 -23.25 -10.74
CA TYR C 168 -1.50 -23.84 -10.47
C TYR C 168 -1.37 -25.29 -10.00
N GLN C 169 -0.44 -26.04 -10.60
CA GLN C 169 -0.24 -27.43 -10.16
C GLN C 169 0.28 -27.48 -8.73
N TYR C 170 1.23 -26.61 -8.38
CA TYR C 170 1.68 -26.54 -6.98
C TYR C 170 0.53 -26.17 -6.07
N ARG C 171 -0.29 -25.18 -6.46
CA ARG C 171 -1.44 -24.81 -5.65
C ARG C 171 -2.36 -26.00 -5.42
N GLN C 172 -2.57 -26.82 -6.45
CA GLN C 172 -3.46 -27.96 -6.32
C GLN C 172 -2.90 -29.04 -5.40
N ASP C 173 -1.57 -29.11 -5.27
CA ASP C 173 -0.97 -30.00 -4.28
C ASP C 173 -0.97 -29.36 -2.91
N ALA C 174 -0.90 -28.04 -2.85
CA ALA C 174 -0.93 -27.34 -1.57
C ALA C 174 -2.29 -27.45 -0.89
N ILE C 175 -3.36 -27.21 -1.66
CA ILE C 175 -4.70 -27.35 -1.09
C ILE C 175 -4.86 -28.71 -0.44
N ALA C 176 -4.10 -29.71 -0.90
CA ALA C 176 -4.14 -31.03 -0.28
C ALA C 176 -3.42 -31.03 1.06
N LEU C 177 -2.18 -30.56 1.10
CA LEU C 177 -1.43 -30.55 2.34
C LEU C 177 -2.05 -29.61 3.37
N PHE C 178 -2.60 -28.47 2.91
CA PHE C 178 -3.10 -27.43 3.80
C PHE C 178 -4.60 -27.52 4.06
N ASN C 179 -5.30 -28.47 3.43
CA ASN C 179 -6.74 -28.60 3.60
C ASN C 179 -7.11 -28.65 5.08
N GLY C 180 -7.85 -27.64 5.53
CA GLY C 180 -8.32 -27.60 6.90
C GLY C 180 -7.24 -27.49 7.95
N LYS C 181 -6.00 -27.22 7.55
CA LYS C 181 -4.90 -27.02 8.48
C LYS C 181 -4.45 -25.56 8.55
N THR C 182 -4.53 -24.83 7.45
CA THR C 182 -4.12 -23.44 7.41
C THR C 182 -5.13 -22.62 6.62
N ASN C 183 -4.96 -21.30 6.63
CA ASN C 183 -5.81 -20.38 5.89
C ASN C 183 -5.33 -20.16 4.45
N PHE C 184 -4.45 -21.03 3.95
CA PHE C 184 -3.92 -20.88 2.61
C PHE C 184 -5.03 -20.70 1.58
N GLY C 185 -6.02 -21.58 1.62
CA GLY C 185 -7.09 -21.51 0.63
C GLY C 185 -7.85 -20.20 0.66
N ASP C 186 -7.88 -19.53 1.81
CA ASP C 186 -8.59 -18.27 1.91
C ASP C 186 -7.94 -17.16 1.09
N TYR C 187 -6.68 -17.32 0.71
CA TYR C 187 -5.96 -16.29 -0.02
C TYR C 187 -5.54 -16.71 -1.42
N PHE C 188 -5.18 -17.98 -1.61
CA PHE C 188 -4.68 -18.45 -2.90
C PHE C 188 -5.61 -19.49 -3.52
N GLY C 189 -6.78 -19.73 -2.92
CA GLY C 189 -7.74 -20.64 -3.52
C GLY C 189 -8.14 -20.24 -4.92
N THR C 190 -8.17 -18.93 -5.21
CA THR C 190 -8.63 -18.42 -6.50
C THR C 190 -7.55 -18.27 -7.56
N MET C 191 -6.34 -18.79 -7.36
CA MET C 191 -5.38 -18.79 -8.47
C MET C 191 -5.86 -19.73 -9.56
N LYS C 192 -6.06 -19.21 -10.77
CA LYS C 192 -6.36 -20.02 -11.94
C LYS C 192 -5.39 -19.66 -13.05
N PRO C 193 -4.84 -20.66 -13.74
CA PRO C 193 -3.78 -20.35 -14.71
C PRO C 193 -4.29 -19.48 -15.85
N GLY C 194 -3.46 -18.51 -16.24
CA GLY C 194 -3.81 -17.55 -17.27
C GLY C 194 -4.77 -16.47 -16.83
N GLU C 195 -5.30 -16.55 -15.61
CA GLU C 195 -6.23 -15.56 -15.09
C GLU C 195 -5.51 -14.60 -14.16
N VAL C 196 -5.96 -13.35 -14.15
CA VAL C 196 -5.29 -12.31 -13.39
C VAL C 196 -5.62 -12.48 -11.91
N PHE C 197 -4.58 -12.58 -11.10
CA PHE C 197 -4.69 -12.78 -9.65
C PHE C 197 -4.21 -11.50 -8.97
N LYS C 198 -5.05 -10.93 -8.12
CA LYS C 198 -4.76 -9.68 -7.44
C LYS C 198 -4.61 -9.92 -5.94
N GLN C 199 -3.75 -9.13 -5.30
CA GLN C 199 -3.41 -9.31 -3.88
C GLN C 199 -3.49 -7.99 -3.14
N PRO C 200 -4.70 -7.51 -2.85
CA PRO C 200 -4.83 -6.15 -2.29
C PRO C 200 -4.20 -5.99 -0.91
N GLU C 201 -4.32 -6.99 -0.04
CA GLU C 201 -3.71 -6.87 1.28
C GLU C 201 -2.20 -6.82 1.19
N LEU C 202 -1.61 -7.65 0.31
CA LEU C 202 -0.17 -7.60 0.09
C LEU C 202 0.24 -6.27 -0.52
N ALA C 203 -0.60 -5.68 -1.37
CA ALA C 203 -0.26 -4.36 -1.92
C ALA C 203 -0.13 -3.33 -0.81
N LYS C 204 -1.07 -3.34 0.14
CA LYS C 204 -1.00 -2.40 1.25
C LYS C 204 0.24 -2.66 2.09
N THR C 205 0.57 -3.92 2.33
CA THR C 205 1.77 -4.26 3.08
C THR C 205 3.01 -3.70 2.40
N LEU C 206 3.12 -3.87 1.09
CA LEU C 206 4.26 -3.34 0.36
C LEU C 206 4.27 -1.81 0.35
N GLU C 207 3.08 -1.18 0.34
CA GLU C 207 3.01 0.26 0.49
C GLU C 207 3.63 0.71 1.82
N ARG C 208 3.31 0.00 2.90
CA ARG C 208 3.85 0.36 4.20
C ARG C 208 5.37 0.20 4.22
N ILE C 209 5.87 -0.84 3.55
CA ILE C 209 7.31 -1.07 3.55
C ILE C 209 8.02 -0.01 2.71
N ALA C 210 7.40 0.41 1.60
CA ALA C 210 8.00 1.49 0.81
C ALA C 210 8.02 2.79 1.60
N ASP C 211 6.95 3.06 2.35
CA ASP C 211 6.83 4.31 3.10
C ASP C 211 7.64 4.27 4.39
N LYS C 212 7.56 3.17 5.14
CA LYS C 212 8.14 3.10 6.46
C LYS C 212 9.43 2.31 6.53
N GLY C 213 9.75 1.51 5.52
CA GLY C 213 10.92 0.68 5.54
C GLY C 213 10.68 -0.59 6.33
N PRO C 214 11.76 -1.28 6.71
CA PRO C 214 11.60 -2.52 7.47
C PRO C 214 10.92 -2.32 8.81
N ASP C 215 10.95 -1.11 9.35
CA ASP C 215 10.27 -0.86 10.62
C ASP C 215 8.82 -1.32 10.56
N ASP C 216 8.17 -1.18 9.39
CA ASP C 216 6.80 -1.68 9.28
C ASP C 216 6.72 -3.18 9.53
N PHE C 217 7.66 -3.94 8.96
CA PHE C 217 7.62 -5.39 9.03
C PHE C 217 8.03 -5.91 10.40
N TYR C 218 9.04 -5.29 11.01
CA TYR C 218 9.60 -5.79 12.26
C TYR C 218 9.14 -5.04 13.50
N LYS C 219 8.58 -3.83 13.34
CA LYS C 219 8.14 -3.08 14.51
C LYS C 219 6.74 -2.51 14.41
N GLY C 220 6.14 -2.45 13.22
CA GLY C 220 4.92 -1.69 13.05
C GLY C 220 3.70 -2.50 12.72
N GLU C 221 2.89 -1.98 11.78
CA GLU C 221 1.59 -2.56 11.50
C GLU C 221 1.71 -4.03 11.08
N THR C 222 2.62 -4.31 10.13
CA THR C 222 2.78 -5.68 9.67
C THR C 222 3.30 -6.59 10.78
N ALA C 223 4.21 -6.10 11.61
CA ALA C 223 4.68 -6.89 12.74
C ALA C 223 3.52 -7.26 13.67
N LYS C 224 2.62 -6.32 13.93
CA LYS C 224 1.48 -6.62 14.79
C LYS C 224 0.56 -7.66 14.13
N LEU C 225 0.38 -7.57 12.81
CA LEU C 225 -0.42 -8.57 12.12
C LEU C 225 0.24 -9.94 12.17
N LEU C 226 1.56 -9.99 11.96
CA LEU C 226 2.25 -11.27 12.04
C LEU C 226 2.10 -11.87 13.42
N ILE C 227 2.23 -11.06 14.46
CA ILE C 227 2.17 -11.56 15.81
C ILE C 227 0.78 -12.08 16.13
N ALA C 228 -0.26 -11.40 15.64
CA ALA C 228 -1.62 -11.86 15.87
C ALA C 228 -1.86 -13.21 15.20
N GLN C 229 -1.26 -13.42 14.02
CA GLN C 229 -1.39 -14.71 13.36
C GLN C 229 -0.73 -15.82 14.17
N MET C 230 0.47 -15.54 14.71
CA MET C 230 1.13 -16.48 15.60
C MET C 230 0.23 -16.85 16.76
N LYS C 231 -0.39 -15.85 17.39
CA LYS C 231 -1.21 -16.12 18.56
C LYS C 231 -2.45 -16.92 18.19
N GLN C 232 -3.04 -16.64 17.03
CA GLN C 232 -4.20 -17.41 16.58
C GLN C 232 -3.82 -18.85 16.25
N ASP C 233 -2.61 -19.08 15.72
CA ASP C 233 -2.23 -20.38 15.20
C ASP C 233 -1.29 -21.16 16.12
N GLY C 234 -0.96 -20.62 17.29
CA GLY C 234 -0.05 -21.31 18.18
C GLY C 234 1.40 -21.27 17.77
N GLY C 235 1.80 -20.23 17.05
CA GLY C 235 3.19 -20.08 16.66
C GLY C 235 4.03 -19.46 17.77
N LEU C 236 5.34 -19.41 17.52
CA LEU C 236 6.29 -19.00 18.54
C LEU C 236 6.83 -17.58 18.36
N ILE C 237 6.68 -16.98 17.18
CA ILE C 237 7.35 -15.72 16.91
C ILE C 237 6.70 -14.61 17.71
N THR C 238 7.51 -13.81 18.40
CA THR C 238 7.04 -12.71 19.23
C THR C 238 7.61 -11.40 18.71
N SER C 239 7.09 -10.30 19.24
CA SER C 239 7.65 -8.99 18.92
C SER C 239 9.15 -8.96 19.24
N ASP C 240 9.54 -9.57 20.36
CA ASP C 240 10.96 -9.62 20.71
C ASP C 240 11.78 -10.29 19.62
N ASP C 241 11.24 -11.34 19.00
CA ASP C 241 11.95 -12.00 17.92
C ASP C 241 12.14 -11.06 16.73
N LEU C 242 11.11 -10.30 16.38
CA LEU C 242 11.20 -9.49 15.17
C LEU C 242 12.15 -8.31 15.34
N VAL C 243 12.11 -7.64 16.49
CA VAL C 243 12.98 -6.47 16.68
C VAL C 243 14.44 -6.87 16.83
N ASP C 244 14.73 -8.13 17.17
CA ASP C 244 16.11 -8.58 17.25
C ASP C 244 16.65 -9.13 15.93
N TYR C 245 15.82 -9.30 14.91
CA TYR C 245 16.33 -9.88 13.68
C TYR C 245 17.34 -8.94 13.02
N GLN C 246 18.48 -9.49 12.59
CA GLN C 246 19.45 -8.75 11.80
C GLN C 246 19.97 -9.61 10.65
N ALA C 247 20.03 -9.03 9.45
CA ALA C 247 20.81 -9.61 8.37
C ALA C 247 22.29 -9.39 8.66
N LYS C 248 23.13 -10.23 8.05
CA LYS C 248 24.55 -10.27 8.39
C LYS C 248 25.38 -10.29 7.14
N TRP C 249 26.27 -9.30 7.00
CA TRP C 249 27.25 -9.30 5.93
C TRP C 249 28.37 -10.27 6.29
N ARG C 250 28.67 -11.21 5.41
CA ARG C 250 29.74 -12.16 5.64
C ARG C 250 30.74 -12.11 4.50
N GLU C 251 31.91 -12.67 4.75
CA GLU C 251 32.89 -12.85 3.68
C GLU C 251 32.45 -14.02 2.81
N PRO C 252 32.33 -13.83 1.49
CA PRO C 252 31.88 -14.95 0.65
C PRO C 252 32.94 -16.03 0.57
N MET C 253 32.49 -17.25 0.27
CA MET C 253 33.39 -18.35 -0.02
C MET C 253 34.11 -18.07 -1.33
N ARG C 254 35.43 -18.24 -1.34
CA ARG C 254 36.24 -18.04 -2.54
C ARG C 254 36.84 -19.37 -2.98
N ILE C 255 36.68 -19.71 -4.26
CA ILE C 255 37.18 -20.96 -4.82
C ILE C 255 37.88 -20.64 -6.13
N ASP C 256 39.19 -20.85 -6.19
CA ASP C 256 39.96 -20.65 -7.41
C ASP C 256 40.14 -22.00 -8.11
N TRP C 257 39.89 -22.04 -9.41
CA TRP C 257 40.32 -23.20 -10.19
C TRP C 257 40.51 -22.74 -11.63
N GLN C 258 41.65 -23.09 -12.23
CA GLN C 258 41.87 -22.84 -13.65
C GLN C 258 41.81 -21.35 -13.99
N GLY C 259 42.28 -20.49 -13.08
CA GLY C 259 42.31 -19.07 -13.34
C GLY C 259 40.99 -18.35 -13.12
N ASN C 260 39.94 -19.07 -12.79
CA ASN C 260 38.66 -18.48 -12.42
C ASN C 260 38.56 -18.39 -10.91
N THR C 261 37.80 -17.41 -10.44
CA THR C 261 37.50 -17.27 -9.02
C THR C 261 35.99 -17.31 -8.85
N LEU C 262 35.51 -18.34 -8.18
CA LEU C 262 34.09 -18.48 -7.85
C LEU C 262 33.87 -17.89 -6.45
N TYR C 263 32.97 -16.93 -6.36
CA TYR C 263 32.48 -16.43 -5.07
C TYR C 263 31.10 -17.02 -4.84
N THR C 264 30.89 -17.62 -3.68
CA THR C 264 29.61 -18.27 -3.41
C THR C 264 29.31 -18.19 -1.91
N ALA C 265 28.26 -18.88 -1.50
CA ALA C 265 27.71 -18.70 -0.16
C ALA C 265 28.56 -19.42 0.88
N PRO C 266 29.00 -18.72 1.95
CA PRO C 266 29.61 -19.42 3.09
C PRO C 266 28.54 -19.88 4.08
N LEU C 267 28.96 -20.43 5.23
CA LEU C 267 27.99 -20.80 6.25
C LEU C 267 27.14 -19.58 6.62
N PRO C 268 25.84 -19.74 6.89
CA PRO C 268 25.12 -20.99 7.14
C PRO C 268 24.61 -21.74 5.90
N SER C 269 25.18 -21.45 4.74
CA SER C 269 24.98 -22.33 3.59
C SER C 269 26.05 -23.41 3.59
N SER C 270 25.63 -24.64 3.26
CA SER C 270 26.57 -25.71 3.01
C SER C 270 27.14 -25.68 1.60
N GLY C 271 26.61 -24.84 0.72
CA GLY C 271 26.94 -24.93 -0.69
C GLY C 271 28.35 -24.49 -1.03
N GLY C 272 28.87 -23.50 -0.31
CA GLY C 272 30.21 -23.02 -0.60
C GLY C 272 31.26 -24.08 -0.28
N ILE C 273 31.15 -24.67 0.92
CA ILE C 273 32.05 -25.75 1.30
C ILE C 273 31.88 -26.93 0.33
N ALA C 274 30.63 -27.25 -0.02
CA ALA C 274 30.39 -28.34 -0.95
C ALA C 274 31.05 -28.09 -2.29
N LEU C 275 30.87 -26.87 -2.83
CA LEU C 275 31.44 -26.57 -4.14
C LEU C 275 32.96 -26.54 -4.10
N ALA C 276 33.54 -26.06 -2.99
CA ALA C 276 34.99 -26.14 -2.85
C ALA C 276 35.47 -27.58 -2.92
N GLN C 277 34.72 -28.50 -2.30
CA GLN C 277 35.14 -29.90 -2.27
C GLN C 277 34.86 -30.59 -3.59
N LEU C 278 33.68 -30.34 -4.18
CA LEU C 278 33.34 -30.94 -5.46
C LEU C 278 34.33 -30.53 -6.55
N ILE C 279 34.58 -29.23 -6.67
CA ILE C 279 35.50 -28.76 -7.70
C ILE C 279 36.92 -29.23 -7.40
N GLY C 280 37.34 -29.13 -6.14
CA GLY C 280 38.69 -29.52 -5.79
C GLY C 280 38.94 -31.00 -5.96
N ILE C 281 37.97 -31.84 -5.58
CA ILE C 281 38.17 -33.28 -5.76
C ILE C 281 38.13 -33.63 -7.24
N LYS C 282 37.21 -33.03 -8.00
CA LYS C 282 37.16 -33.31 -9.43
C LYS C 282 38.48 -32.98 -10.10
N GLU C 283 39.08 -31.85 -9.73
CA GLU C 283 40.37 -31.49 -10.31
C GLU C 283 41.43 -32.52 -9.95
N GLN C 284 41.47 -32.93 -8.68
CA GLN C 284 42.44 -33.94 -8.26
C GLN C 284 42.26 -35.24 -9.03
N ARG C 285 41.03 -35.57 -9.42
CA ARG C 285 40.76 -36.80 -10.14
C ARG C 285 40.61 -36.57 -11.64
N ALA C 286 41.28 -35.54 -12.17
CA ALA C 286 41.11 -35.18 -13.57
C ALA C 286 41.47 -36.33 -14.51
N ALA C 287 42.47 -37.14 -14.13
CA ALA C 287 42.86 -38.27 -14.96
C ALA C 287 41.71 -39.24 -15.17
N ASP C 288 40.84 -39.40 -14.18
CA ASP C 288 39.69 -40.29 -14.30
C ASP C 288 38.55 -39.67 -15.09
N PHE C 289 38.54 -38.35 -15.27
CA PHE C 289 37.52 -37.70 -16.09
C PHE C 289 37.97 -37.52 -17.54
N LYS C 290 39.26 -37.64 -17.82
CA LYS C 290 39.75 -37.43 -19.18
C LYS C 290 39.08 -38.40 -20.13
N GLY C 291 38.52 -37.87 -21.21
CA GLY C 291 37.88 -38.69 -22.23
C GLY C 291 36.54 -39.26 -21.84
N VAL C 292 35.93 -38.75 -20.78
CA VAL C 292 34.64 -39.26 -20.31
C VAL C 292 33.56 -38.28 -20.73
N GLU C 293 32.54 -38.79 -21.41
CA GLU C 293 31.49 -37.94 -21.95
C GLU C 293 30.51 -37.53 -20.88
N LEU C 294 29.98 -36.31 -21.04
CA LEU C 294 29.02 -35.77 -20.12
C LEU C 294 27.82 -36.72 -19.99
N ASN C 295 27.47 -37.02 -18.74
CA ASN C 295 26.30 -37.82 -18.38
C ASN C 295 26.38 -39.24 -18.94
N SER C 296 27.58 -39.72 -19.20
CA SER C 296 27.79 -41.15 -19.30
C SER C 296 27.64 -41.77 -17.91
N ALA C 297 27.48 -43.10 -17.89
CA ALA C 297 27.41 -43.81 -16.62
C ALA C 297 28.66 -43.53 -15.78
N LYS C 298 29.84 -43.55 -16.40
CA LYS C 298 31.06 -43.32 -15.65
C LYS C 298 31.10 -41.91 -15.09
N TYR C 299 30.70 -40.92 -15.90
CA TYR C 299 30.63 -39.55 -15.40
C TYR C 299 29.70 -39.45 -14.19
N ILE C 300 28.48 -39.99 -14.33
CA ILE C 300 27.52 -39.91 -13.23
C ILE C 300 28.03 -40.68 -12.02
N HIS C 301 28.70 -41.81 -12.27
CA HIS C 301 29.27 -42.55 -11.15
C HIS C 301 30.33 -41.72 -10.43
N LEU C 302 31.21 -41.07 -11.18
CA LEU C 302 32.27 -40.28 -10.55
C LEU C 302 31.69 -39.14 -9.73
N LEU C 303 30.70 -38.43 -10.26
CA LEU C 303 30.04 -37.38 -9.48
C LEU C 303 29.42 -37.95 -8.22
N SER C 304 28.77 -39.12 -8.31
CA SER C 304 28.17 -39.72 -7.14
C SER C 304 29.22 -40.08 -6.09
N GLU C 305 30.38 -40.57 -6.53
CA GLU C 305 31.42 -40.92 -5.57
C GLU C 305 31.93 -39.68 -4.83
N ILE C 306 32.04 -38.55 -5.53
CA ILE C 306 32.44 -37.33 -4.87
C ILE C 306 31.35 -36.86 -3.90
N GLU C 307 30.09 -36.91 -4.35
CA GLU C 307 28.98 -36.43 -3.54
C GLU C 307 28.82 -37.24 -2.26
N LYS C 308 29.19 -38.52 -2.27
CA LYS C 308 29.16 -39.30 -1.03
C LYS C 308 29.97 -38.61 0.07
N ARG C 309 31.18 -38.18 -0.26
CA ARG C 309 32.07 -37.60 0.75
C ARG C 309 31.59 -36.21 1.16
N VAL C 310 31.09 -35.44 0.18
CA VAL C 310 30.61 -34.09 0.47
C VAL C 310 29.48 -34.15 1.50
N PHE C 311 28.53 -35.05 1.29
CA PHE C 311 27.38 -35.11 2.19
C PHE C 311 27.70 -35.78 3.51
N ALA C 312 28.78 -36.58 3.59
CA ALA C 312 29.23 -37.05 4.89
C ALA C 312 29.70 -35.90 5.75
N ASP C 313 30.52 -35.01 5.18
CA ASP C 313 30.99 -33.84 5.92
C ASP C 313 29.84 -32.89 6.23
N ARG C 314 28.93 -32.70 5.28
CA ARG C 314 27.81 -31.79 5.49
C ARG C 314 27.00 -32.17 6.71
N ALA C 315 26.71 -33.47 6.86
CA ALA C 315 25.80 -33.91 7.91
C ALA C 315 26.44 -33.84 9.29
N ASP C 316 27.75 -33.92 9.37
CA ASP C 316 28.43 -34.01 10.65
C ASP C 316 28.92 -32.66 11.17
N TYR C 317 29.30 -31.73 10.31
CA TYR C 317 30.03 -30.55 10.75
C TYR C 317 29.31 -29.22 10.59
N LEU C 318 28.33 -29.10 9.70
CA LEU C 318 27.92 -27.80 9.21
C LEU C 318 26.67 -27.26 9.91
N GLY C 319 26.70 -25.97 10.19
CA GLY C 319 25.58 -25.29 10.83
C GLY C 319 25.91 -23.84 11.04
N ASP C 320 25.03 -23.13 11.73
CA ASP C 320 25.26 -21.72 12.01
C ASP C 320 26.65 -21.55 12.65
N PRO C 321 27.55 -20.75 12.04
CA PRO C 321 28.93 -20.69 12.56
C PRO C 321 29.06 -19.95 13.88
N GLN C 322 28.07 -19.14 14.28
CA GLN C 322 28.12 -18.50 15.59
C GLN C 322 27.63 -19.42 16.71
N PHE C 323 27.17 -20.63 16.38
CA PHE C 323 26.65 -21.55 17.38
C PHE C 323 27.49 -22.80 17.57
N SER C 324 28.47 -23.04 16.72
CA SER C 324 29.49 -24.04 16.99
C SER C 324 30.75 -23.62 16.25
N LYS C 325 31.86 -24.25 16.61
CA LYS C 325 33.14 -23.95 15.98
C LYS C 325 33.29 -24.86 14.78
N VAL C 326 32.75 -24.43 13.65
CA VAL C 326 32.77 -25.26 12.44
C VAL C 326 34.17 -25.19 11.82
N PRO C 327 34.78 -26.33 11.48
CA PRO C 327 36.17 -26.31 10.99
C PRO C 327 36.25 -26.04 9.49
N VAL C 328 35.78 -24.85 9.09
CA VAL C 328 35.66 -24.53 7.66
C VAL C 328 37.00 -24.67 6.96
N ALA C 329 38.05 -24.07 7.51
CA ALA C 329 39.36 -24.14 6.87
C ALA C 329 39.81 -25.59 6.70
N GLN C 330 39.63 -26.41 7.73
CA GLN C 330 40.07 -27.81 7.63
C GLN C 330 39.34 -28.54 6.50
N LEU C 331 38.05 -28.26 6.32
CA LEU C 331 37.26 -28.94 5.31
C LEU C 331 37.53 -28.45 3.90
N THR C 332 38.18 -27.29 3.74
CA THR C 332 38.50 -26.74 2.42
C THR C 332 40.00 -26.67 2.18
N ASP C 333 40.81 -27.20 3.07
CA ASP C 333 42.25 -27.17 2.88
C ASP C 333 42.65 -28.10 1.73
N PRO C 334 43.56 -27.67 0.85
CA PRO C 334 43.95 -28.54 -0.28
C PRO C 334 44.41 -29.93 0.12
N LYS C 335 45.18 -30.06 1.20
CA LYS C 335 45.66 -31.38 1.60
C LYS C 335 44.51 -32.28 2.03
N TYR C 336 43.46 -31.69 2.63
CA TYR C 336 42.26 -32.46 2.94
C TYR C 336 41.50 -32.81 1.66
N ILE C 337 41.39 -31.86 0.73
CA ILE C 337 40.75 -32.12 -0.55
C ILE C 337 41.42 -33.31 -1.25
N ALA C 338 42.75 -33.34 -1.23
CA ALA C 338 43.47 -34.43 -1.87
C ALA C 338 43.19 -35.76 -1.17
N LYS C 339 43.18 -35.78 0.16
CA LYS C 339 42.90 -37.01 0.89
C LYS C 339 41.53 -37.58 0.49
N ARG C 340 40.50 -36.73 0.54
CA ARG C 340 39.16 -37.20 0.23
C ARG C 340 39.06 -37.65 -1.22
N ALA C 341 39.80 -37.00 -2.12
CA ALA C 341 39.77 -37.38 -3.53
C ALA C 341 40.31 -38.80 -3.72
N GLY C 342 41.24 -39.24 -2.86
CA GLY C 342 41.76 -40.58 -2.97
C GLY C 342 40.77 -41.67 -2.62
N GLU C 343 39.69 -41.33 -1.91
CA GLU C 343 38.67 -42.31 -1.59
C GLU C 343 37.76 -42.62 -2.77
N VAL C 344 37.70 -41.73 -3.77
CA VAL C 344 36.80 -41.94 -4.89
C VAL C 344 37.18 -43.24 -5.59
N ASN C 345 36.19 -44.11 -5.79
CA ASN C 345 36.38 -45.33 -6.55
C ASN C 345 35.91 -45.09 -7.97
N PRO C 346 36.80 -45.03 -8.97
CA PRO C 346 36.33 -44.79 -10.34
C PRO C 346 35.62 -45.98 -10.97
N ASP C 347 35.73 -47.18 -10.40
CA ASP C 347 35.24 -48.38 -11.07
C ASP C 347 34.05 -49.05 -10.39
N ALA C 348 33.78 -48.74 -9.12
CA ALA C 348 32.72 -49.42 -8.40
C ALA C 348 32.20 -48.50 -7.30
N ILE C 349 30.97 -48.77 -6.87
CA ILE C 349 30.36 -47.97 -5.80
C ILE C 349 31.08 -48.25 -4.49
N SER C 350 31.47 -47.18 -3.80
CA SER C 350 32.03 -47.31 -2.47
C SER C 350 30.96 -47.75 -1.49
N ALA C 351 31.35 -48.60 -0.52
CA ALA C 351 30.46 -48.99 0.56
C ALA C 351 29.95 -47.77 1.31
N THR C 352 28.65 -47.49 1.19
CA THR C 352 28.05 -46.38 1.90
C THR C 352 28.35 -46.44 3.39
N GLU C 353 28.29 -47.66 3.95
CA GLU C 353 28.50 -47.87 5.37
C GLU C 353 29.90 -47.44 5.82
N LYS C 354 30.85 -47.34 4.90
CA LYS C 354 32.23 -47.00 5.23
C LYS C 354 32.61 -45.58 4.85
N VAL C 355 31.69 -44.78 4.31
CA VAL C 355 31.98 -43.39 4.04
C VAL C 355 31.78 -42.60 5.33
N ARG C 356 32.86 -41.98 5.82
CA ARG C 356 32.88 -41.30 7.10
C ARG C 356 33.10 -39.80 6.92
N PRO C 357 32.71 -38.99 7.90
CA PRO C 357 33.14 -37.58 7.88
C PRO C 357 34.66 -37.50 7.95
N GLY C 358 35.25 -36.63 7.13
CA GLY C 358 36.67 -36.72 6.86
C GLY C 358 37.58 -36.30 8.00
N LEU C 359 37.07 -35.58 8.99
CA LEU C 359 37.90 -35.09 10.08
C LEU C 359 37.82 -35.97 11.31
N GLU C 360 37.14 -37.09 11.22
CA GLU C 360 36.97 -38.01 12.35
C GLU C 360 38.27 -38.74 12.67
N PRO C 361 38.73 -38.70 13.92
CA PRO C 361 39.93 -39.47 14.28
C PRO C 361 39.65 -40.96 14.19
N HIS C 362 40.69 -41.73 13.89
CA HIS C 362 40.54 -43.17 13.85
C HIS C 362 41.87 -43.85 14.11
N GLN C 363 41.82 -45.18 14.24
CA GLN C 363 43.01 -45.99 14.48
C GLN C 363 43.87 -46.11 13.22
N THR D 1 12.28 -22.32 -2.93
CA THR D 1 13.36 -21.50 -3.46
C THR D 1 13.09 -20.99 -4.86
N THR D 2 13.61 -19.79 -5.17
CA THR D 2 13.80 -19.36 -6.55
C THR D 2 15.08 -18.53 -6.60
N HIS D 3 15.63 -18.36 -7.80
CA HIS D 3 16.88 -17.64 -7.99
C HIS D 3 16.77 -16.64 -9.14
N PHE D 4 17.42 -15.49 -8.99
CA PHE D 4 17.62 -14.62 -10.14
C PHE D 4 19.03 -14.05 -10.13
N SER D 5 19.49 -13.66 -11.32
CA SER D 5 20.83 -13.18 -11.58
C SER D 5 20.77 -11.87 -12.35
N ILE D 6 21.60 -10.90 -11.97
CA ILE D 6 21.61 -9.58 -12.60
C ILE D 6 23.05 -9.10 -12.76
N VAL D 7 23.33 -8.46 -13.90
CA VAL D 7 24.58 -7.75 -14.18
C VAL D 7 24.20 -6.39 -14.74
N ASP D 8 24.85 -5.32 -14.26
CA ASP D 8 24.60 -3.99 -14.82
C ASP D 8 25.76 -3.56 -15.71
N LYS D 9 25.55 -2.44 -16.42
CA LYS D 9 26.46 -2.01 -17.46
C LYS D 9 27.85 -1.64 -16.93
N ASP D 10 28.00 -1.50 -15.61
CA ASP D 10 29.27 -1.17 -14.99
C ASP D 10 30.01 -2.42 -14.51
N GLY D 11 29.50 -3.60 -14.80
CA GLY D 11 30.17 -4.82 -14.40
C GLY D 11 29.87 -5.29 -13.00
N ASN D 12 28.94 -4.64 -12.29
CA ASN D 12 28.51 -5.12 -10.99
C ASN D 12 27.48 -6.22 -11.19
N ALA D 13 27.41 -7.16 -10.24
CA ALA D 13 26.52 -8.30 -10.38
C ALA D 13 25.87 -8.64 -9.05
N VAL D 14 24.67 -9.20 -9.14
CA VAL D 14 23.94 -9.71 -7.99
C VAL D 14 23.42 -11.09 -8.33
N SER D 15 23.64 -12.05 -7.45
CA SER D 15 23.11 -13.39 -7.56
C SER D 15 22.33 -13.64 -6.28
N ASN D 16 21.01 -13.82 -6.39
CA ASN D 16 20.13 -13.83 -5.23
C ASN D 16 19.26 -15.07 -5.23
N THR D 17 19.38 -15.88 -4.17
CA THR D 17 18.54 -17.03 -3.92
C THR D 17 17.75 -16.77 -2.64
N TYR D 18 16.43 -16.90 -2.70
N TYR D 18 16.43 -16.90 -2.70
CA TYR D 18 15.61 -16.69 -1.50
CA TYR D 18 15.61 -16.69 -1.50
C TYR D 18 14.41 -17.62 -1.60
C TYR D 18 14.40 -17.61 -1.61
N THR D 19 13.74 -17.83 -0.46
CA THR D 19 12.86 -18.99 -0.35
C THR D 19 11.92 -18.89 0.83
N LEU D 20 10.83 -19.67 0.74
CA LEU D 20 9.97 -20.02 1.86
C LEU D 20 10.28 -21.43 2.38
N ASN D 21 11.29 -22.08 1.79
CA ASN D 21 11.56 -23.50 1.84
C ASN D 21 10.67 -24.25 0.85
N TRP D 22 9.65 -24.97 1.32
CA TRP D 22 8.81 -25.68 0.36
C TRP D 22 7.83 -24.71 -0.29
N ASP D 23 7.11 -25.21 -1.30
CA ASP D 23 6.25 -24.37 -2.10
C ASP D 23 5.13 -23.81 -1.22
N PHE D 24 5.04 -22.49 -1.17
CA PHE D 24 4.09 -21.77 -0.32
C PHE D 24 4.42 -21.93 1.16
N GLY D 25 5.63 -22.42 1.47
CA GLY D 25 6.09 -22.46 2.85
C GLY D 25 5.17 -23.24 3.75
N SER D 26 4.88 -22.66 4.91
CA SER D 26 4.04 -23.28 5.91
C SER D 26 2.56 -23.27 5.55
N GLY D 27 2.19 -22.57 4.47
CA GLY D 27 0.80 -22.40 4.13
C GLY D 27 0.03 -21.46 5.03
N VAL D 28 0.71 -20.78 5.95
CA VAL D 28 0.08 -19.82 6.84
C VAL D 28 0.21 -18.45 6.22
N VAL D 29 -0.93 -17.81 5.95
CA VAL D 29 -0.96 -16.43 5.47
C VAL D 29 -1.25 -15.52 6.66
N VAL D 30 -0.42 -14.49 6.81
CA VAL D 30 -0.63 -13.45 7.82
C VAL D 30 -1.87 -12.65 7.47
N LYS D 31 -2.97 -12.93 8.18
CA LYS D 31 -4.24 -12.27 7.92
C LYS D 31 -4.10 -10.76 8.05
N GLY D 32 -4.65 -10.04 7.08
CA GLY D 32 -4.56 -8.61 7.01
C GLY D 32 -3.37 -8.10 6.23
N ALA D 33 -2.35 -8.93 6.03
CA ALA D 33 -1.13 -8.55 5.33
C ALA D 33 -0.90 -9.31 4.04
N GLY D 34 -1.41 -10.53 3.91
CA GLY D 34 -1.48 -11.21 2.64
C GLY D 34 -0.27 -11.98 2.19
N PHE D 35 0.75 -12.13 3.03
CA PHE D 35 1.94 -12.88 2.65
C PHE D 35 2.08 -14.16 3.46
N LEU D 36 2.67 -15.17 2.81
CA LEU D 36 2.90 -16.48 3.38
C LEU D 36 4.12 -16.49 4.29
N LEU D 37 4.06 -17.30 5.33
CA LEU D 37 5.20 -17.55 6.20
C LEU D 37 5.93 -18.82 5.77
N ASN D 38 7.25 -18.76 5.86
CA ASN D 38 8.14 -19.86 5.53
C ASN D 38 7.89 -21.07 6.44
N ASP D 39 8.27 -22.26 5.95
CA ASP D 39 8.43 -23.41 6.83
C ASP D 39 9.91 -23.78 6.85
N GLU D 40 10.76 -22.81 7.16
CA GLU D 40 12.20 -22.99 7.01
C GLU D 40 12.77 -23.84 8.13
N MET D 41 12.00 -24.08 9.19
CA MET D 41 12.52 -24.78 10.35
C MET D 41 12.83 -26.23 10.07
N ASP D 42 12.24 -26.81 9.03
CA ASP D 42 12.53 -28.20 8.69
C ASP D 42 13.95 -28.40 8.17
N ASP D 43 14.68 -27.31 7.90
CA ASP D 43 16.08 -27.40 7.48
C ASP D 43 17.02 -27.63 8.65
N PHE D 44 16.55 -27.41 9.88
CA PHE D 44 17.25 -27.92 11.05
C PHE D 44 17.18 -29.44 11.06
N SER D 45 18.11 -30.06 11.79
CA SER D 45 17.95 -31.48 12.14
C SER D 45 16.96 -31.58 13.29
N SER D 46 15.88 -32.34 13.10
CA SER D 46 14.87 -32.47 14.14
C SER D 46 15.25 -33.55 15.16
N LYS D 47 16.05 -34.53 14.72
CA LYS D 47 16.48 -35.65 15.55
C LYS D 47 17.71 -36.22 14.85
N PRO D 48 18.78 -36.54 15.58
CA PRO D 48 20.00 -36.98 14.89
C PRO D 48 19.73 -38.17 13.97
N GLY D 49 20.18 -38.04 12.72
CA GLY D 49 20.08 -39.12 11.77
C GLY D 49 18.72 -39.32 11.14
N VAL D 50 17.73 -38.49 11.46
CA VAL D 50 16.42 -38.56 10.86
C VAL D 50 16.36 -37.53 9.73
N ALA D 51 16.11 -38.00 8.52
CA ALA D 51 16.17 -37.13 7.35
C ALA D 51 14.98 -36.19 7.30
N ASN D 52 15.22 -35.00 6.75
CA ASN D 52 14.19 -34.00 6.61
C ASN D 52 13.52 -34.15 5.24
N ALA D 53 12.78 -33.12 4.82
CA ALA D 53 12.00 -33.22 3.59
C ALA D 53 12.88 -33.45 2.37
N PHE D 54 14.14 -33.01 2.39
CA PHE D 54 15.06 -33.21 1.28
C PHE D 54 15.96 -34.43 1.47
N GLY D 55 15.69 -35.26 2.47
CA GLY D 55 16.47 -36.46 2.65
C GLY D 55 17.84 -36.26 3.28
N VAL D 56 18.12 -35.07 3.82
CA VAL D 56 19.41 -34.79 4.44
C VAL D 56 19.29 -34.93 5.95
N VAL D 57 20.40 -35.25 6.60
CA VAL D 57 20.44 -35.51 8.02
C VAL D 57 21.43 -34.58 8.70
N GLY D 58 21.42 -34.61 10.02
CA GLY D 58 22.34 -33.82 10.81
C GLY D 58 22.43 -34.33 12.24
N SER D 59 23.14 -33.58 13.06
CA SER D 59 23.21 -33.86 14.50
C SER D 59 23.41 -32.55 15.25
N ASP D 60 24.50 -32.43 16.01
CA ASP D 60 24.64 -31.30 16.93
C ASP D 60 24.78 -29.98 16.18
N ALA D 61 25.67 -29.91 15.18
CA ALA D 61 25.99 -28.63 14.57
C ALA D 61 24.76 -27.94 14.00
N ASN D 62 23.79 -28.69 13.47
CA ASN D 62 22.58 -28.11 12.87
C ASN D 62 21.33 -28.43 13.68
N ALA D 63 21.47 -28.70 14.98
CA ALA D 63 20.32 -28.88 15.83
C ALA D 63 19.61 -27.54 16.05
N ILE D 64 18.35 -27.62 16.50
CA ILE D 64 17.57 -26.41 16.72
C ILE D 64 18.10 -25.69 17.95
N GLU D 65 18.32 -24.38 17.83
CA GLU D 65 18.60 -23.55 18.98
C GLU D 65 17.97 -22.18 18.76
N PRO D 66 17.50 -21.52 19.82
CA PRO D 66 16.94 -20.17 19.65
C PRO D 66 17.96 -19.23 19.00
N GLY D 67 17.47 -18.37 18.11
CA GLY D 67 18.30 -17.40 17.44
C GLY D 67 19.20 -17.94 16.35
N LYS D 68 19.12 -19.24 16.05
CA LYS D 68 20.07 -19.90 15.17
C LYS D 68 19.56 -19.95 13.74
N ARG D 69 20.48 -19.75 12.80
CA ARG D 69 20.17 -19.92 11.39
C ARG D 69 20.29 -21.39 10.99
N MET D 70 19.29 -21.90 10.31
CA MET D 70 19.25 -23.29 9.90
C MET D 70 20.05 -23.53 8.63
N LEU D 71 20.80 -24.64 8.63
CA LEU D 71 21.70 -24.92 7.52
C LEU D 71 20.94 -24.91 6.20
N SER D 72 21.53 -24.29 5.18
CA SER D 72 20.96 -24.16 3.86
C SER D 72 21.85 -24.84 2.82
N SER D 73 21.25 -25.11 1.67
CA SER D 73 21.98 -25.50 0.47
C SER D 73 22.00 -24.40 -0.59
N MET D 74 21.33 -23.27 -0.34
CA MET D 74 21.27 -22.19 -1.32
C MET D 74 22.66 -21.63 -1.59
N SER D 75 22.99 -21.44 -2.88
CA SER D 75 24.37 -21.24 -3.32
C SER D 75 24.44 -20.18 -4.43
N PRO D 76 23.93 -18.97 -4.18
CA PRO D 76 24.04 -17.91 -5.19
C PRO D 76 25.52 -17.66 -5.49
N SER D 77 25.87 -17.65 -6.77
CA SER D 77 27.26 -17.76 -7.19
C SER D 77 27.63 -16.74 -8.26
N ILE D 78 28.87 -16.26 -8.19
CA ILE D 78 29.43 -15.34 -9.18
C ILE D 78 30.84 -15.81 -9.48
N VAL D 79 31.12 -16.14 -10.74
CA VAL D 79 32.46 -16.47 -11.20
C VAL D 79 33.07 -15.20 -11.79
N THR D 80 34.32 -14.94 -11.45
CA THR D 80 35.09 -13.84 -12.02
C THR D 80 36.36 -14.40 -12.64
N ARG D 81 37.00 -13.56 -13.46
CA ARG D 81 38.27 -13.93 -14.07
C ARG D 81 39.00 -12.64 -14.43
N ASP D 82 40.28 -12.55 -14.06
CA ASP D 82 41.05 -11.32 -14.22
C ASP D 82 40.35 -10.15 -13.53
N GLY D 83 39.59 -10.44 -12.49
CA GLY D 83 38.92 -9.41 -11.72
C GLY D 83 37.62 -8.91 -12.30
N HIS D 84 37.10 -9.55 -13.33
CA HIS D 84 35.86 -9.12 -13.97
C HIS D 84 34.84 -10.24 -13.94
N VAL D 85 33.59 -9.88 -13.64
CA VAL D 85 32.50 -10.86 -13.64
C VAL D 85 32.50 -11.61 -14.96
N SER D 86 32.40 -12.95 -14.87
CA SER D 86 32.34 -13.80 -16.05
C SER D 86 31.09 -14.65 -16.11
N LEU D 87 30.53 -15.08 -14.97
CA LEU D 87 29.33 -15.89 -14.97
C LEU D 87 28.59 -15.70 -13.65
N VAL D 88 27.27 -15.48 -13.74
CA VAL D 88 26.39 -15.35 -12.58
C VAL D 88 25.35 -16.45 -12.67
N LEU D 89 25.17 -17.21 -11.60
CA LEU D 89 24.23 -18.33 -11.67
C LEU D 89 23.79 -18.75 -10.27
N GLY D 90 22.64 -19.43 -10.24
CA GLY D 90 22.10 -20.04 -9.05
C GLY D 90 20.83 -20.77 -9.42
N THR D 91 20.23 -21.43 -8.42
CA THR D 91 19.09 -22.30 -8.69
C THR D 91 18.36 -22.66 -7.42
N PRO D 92 17.07 -22.97 -7.50
CA PRO D 92 16.38 -23.71 -6.43
C PRO D 92 16.75 -25.20 -6.49
N GLY D 93 16.19 -25.96 -5.56
CA GLY D 93 16.33 -27.40 -5.61
C GLY D 93 16.71 -28.08 -4.30
N GLY D 94 16.69 -27.33 -3.20
CA GLY D 94 17.07 -27.90 -1.92
C GLY D 94 18.48 -28.45 -1.94
N SER D 95 18.62 -29.68 -1.45
CA SER D 95 19.93 -30.34 -1.40
C SER D 95 20.52 -30.60 -2.77
N ARG D 96 19.73 -30.42 -3.84
CA ARG D 96 20.24 -30.51 -5.20
C ARG D 96 20.91 -29.23 -5.68
N ILE D 97 20.83 -28.15 -4.91
CA ILE D 97 21.19 -26.84 -5.44
C ILE D 97 22.67 -26.81 -5.83
N PHE D 98 23.55 -27.20 -4.90
CA PHE D 98 24.97 -27.07 -5.21
C PHE D 98 25.48 -28.19 -6.11
N THR D 99 24.82 -29.35 -6.14
CA THR D 99 25.20 -30.35 -7.15
C THR D 99 24.75 -29.92 -8.55
N SER D 100 23.60 -29.24 -8.67
CA SER D 100 23.24 -28.73 -10.00
C SER D 100 24.18 -27.62 -10.45
N ILE D 101 24.54 -26.71 -9.54
CA ILE D 101 25.49 -25.67 -9.92
C ILE D 101 26.80 -26.29 -10.37
N PHE D 102 27.27 -27.30 -9.62
CA PHE D 102 28.51 -28.01 -9.98
C PHE D 102 28.43 -28.56 -11.39
N GLN D 103 27.31 -29.18 -11.76
CA GLN D 103 27.19 -29.73 -13.11
C GLN D 103 27.17 -28.62 -14.15
N VAL D 104 26.46 -27.53 -13.91
CA VAL D 104 26.44 -26.43 -14.88
C VAL D 104 27.84 -25.87 -15.06
N LEU D 105 28.59 -25.70 -13.96
CA LEU D 105 29.96 -25.21 -14.08
C LEU D 105 30.82 -26.18 -14.88
N ASN D 106 30.67 -27.49 -14.64
CA ASN D 106 31.39 -28.47 -15.44
C ASN D 106 31.00 -28.34 -16.91
N ASN D 107 29.70 -28.23 -17.19
CA ASN D 107 29.25 -28.11 -18.57
C ASN D 107 29.86 -26.90 -19.26
N VAL D 108 29.96 -25.78 -18.55
CA VAL D 108 30.46 -24.55 -19.15
C VAL D 108 31.98 -24.61 -19.30
N TYR D 109 32.69 -24.97 -18.23
CA TYR D 109 34.14 -24.83 -18.20
C TYR D 109 34.90 -26.07 -18.63
N ASP D 110 34.35 -27.27 -18.41
CA ASP D 110 35.03 -28.50 -18.80
C ASP D 110 34.58 -28.99 -20.18
N PHE D 111 33.27 -29.02 -20.43
CA PHE D 111 32.73 -29.49 -21.70
C PHE D 111 32.51 -28.36 -22.70
N HIS D 112 32.71 -27.11 -22.29
CA HIS D 112 32.71 -25.95 -23.18
C HIS D 112 31.39 -25.82 -23.95
N LEU D 113 30.29 -26.17 -23.29
CA LEU D 113 28.98 -26.08 -23.91
C LEU D 113 28.46 -24.64 -23.97
N PRO D 114 27.71 -24.29 -25.01
CA PRO D 114 26.99 -23.01 -24.99
C PRO D 114 26.14 -22.92 -23.72
N LEU D 115 26.07 -21.71 -23.16
CA LEU D 115 25.40 -21.56 -21.87
C LEU D 115 24.02 -22.18 -21.88
N GLU D 116 23.23 -21.94 -22.94
CA GLU D 116 21.89 -22.51 -22.99
C GLU D 116 21.91 -24.02 -22.93
N LYS D 117 22.90 -24.65 -23.59
CA LYS D 117 23.03 -26.10 -23.53
C LYS D 117 23.53 -26.55 -22.16
N ALA D 118 24.45 -25.78 -21.57
CA ALA D 118 24.94 -26.13 -20.24
C ALA D 118 23.81 -26.17 -19.22
N VAL D 119 22.82 -25.29 -19.39
CA VAL D 119 21.71 -25.23 -18.43
C VAL D 119 20.62 -26.24 -18.77
N ALA D 120 20.41 -26.54 -20.06
CA ALA D 120 19.33 -27.45 -20.43
C ALA D 120 19.72 -28.91 -20.28
N ALA D 121 21.01 -29.20 -20.16
CA ALA D 121 21.48 -30.58 -20.07
C ALA D 121 20.85 -31.30 -18.88
N GLN D 122 20.61 -32.59 -19.06
CA GLN D 122 20.21 -33.46 -17.97
C GLN D 122 21.09 -33.25 -16.76
N ARG D 123 20.47 -33.22 -15.59
CA ARG D 123 21.20 -33.23 -14.33
C ARG D 123 20.64 -34.36 -13.46
N VAL D 124 21.50 -34.90 -12.60
CA VAL D 124 21.13 -35.95 -11.67
C VAL D 124 21.75 -35.61 -10.31
N HIS D 125 21.40 -36.39 -9.31
CA HIS D 125 21.77 -36.07 -7.93
C HIS D 125 21.92 -37.32 -7.10
N HIS D 126 22.98 -37.34 -6.31
CA HIS D 126 23.22 -38.36 -5.28
C HIS D 126 23.67 -37.64 -4.01
N GLN D 127 23.32 -38.20 -2.85
CA GLN D 127 23.62 -37.50 -1.59
C GLN D 127 23.88 -38.45 -0.42
N LEU D 128 24.46 -39.63 -0.69
CA LEU D 128 24.87 -40.61 0.31
C LEU D 128 23.67 -41.33 0.93
N LEU D 129 22.72 -40.57 1.49
CA LEU D 129 21.47 -41.10 1.98
C LEU D 129 20.32 -40.43 1.24
N PRO D 130 19.38 -41.20 0.66
CA PRO D 130 19.28 -42.67 0.69
C PRO D 130 20.39 -43.40 -0.06
N LYS D 131 20.78 -44.55 0.48
CA LYS D 131 21.97 -45.26 0.01
C LYS D 131 21.92 -45.54 -1.48
N ASP D 132 23.00 -45.18 -2.18
CA ASP D 132 23.21 -45.50 -3.59
C ASP D 132 21.99 -45.16 -4.44
N THR D 133 21.31 -44.09 -4.10
CA THR D 133 20.15 -43.63 -4.84
C THR D 133 20.53 -42.38 -5.63
N ILE D 134 20.36 -42.46 -6.95
CA ILE D 134 20.57 -41.34 -7.85
C ILE D 134 19.21 -40.82 -8.28
N TYR D 135 18.99 -39.52 -8.11
CA TYR D 135 17.72 -38.88 -8.45
C TYR D 135 17.80 -38.28 -9.84
N TYR D 136 16.68 -38.35 -10.55
CA TYR D 136 16.52 -37.70 -11.85
C TYR D 136 15.14 -37.06 -11.88
N ASP D 137 14.92 -36.17 -12.84
CA ASP D 137 13.63 -35.51 -12.99
C ASP D 137 12.96 -35.97 -14.27
N ALA D 138 11.65 -35.68 -14.34
CA ALA D 138 10.86 -36.06 -15.50
C ALA D 138 11.24 -35.26 -16.73
N TYR D 139 11.87 -34.10 -16.55
CA TYR D 139 12.33 -33.32 -17.70
C TYR D 139 13.38 -34.08 -18.47
N ALA D 140 14.30 -34.76 -17.78
CA ALA D 140 15.37 -35.51 -18.43
C ALA D 140 15.60 -36.81 -17.65
N PRO D 141 14.71 -37.79 -17.81
CA PRO D 141 14.82 -39.01 -17.01
C PRO D 141 16.04 -39.83 -17.42
N LEU D 142 16.55 -40.60 -16.45
CA LEU D 142 17.61 -41.56 -16.75
C LEU D 142 17.02 -42.75 -17.49
N THR D 143 17.50 -43.00 -18.71
CA THR D 143 16.93 -44.02 -19.57
C THR D 143 18.04 -44.73 -20.34
N GLY D 144 17.68 -45.86 -20.95
CA GLY D 144 18.55 -46.52 -21.90
C GLY D 144 19.83 -47.06 -21.31
N LYS D 145 20.90 -46.99 -22.11
CA LYS D 145 22.17 -47.62 -21.73
C LYS D 145 22.67 -47.11 -20.38
N VAL D 146 22.69 -45.78 -20.20
CA VAL D 146 23.26 -45.23 -18.97
C VAL D 146 22.50 -45.74 -17.76
N ALA D 147 21.16 -45.73 -17.83
CA ALA D 147 20.36 -46.23 -16.71
C ALA D 147 20.65 -47.69 -16.43
N ASP D 148 20.63 -48.53 -17.48
CA ASP D 148 20.92 -49.95 -17.30
C ASP D 148 22.30 -50.14 -16.68
N GLU D 149 23.29 -49.37 -17.13
CA GLU D 149 24.64 -49.53 -16.62
C GLU D 149 24.69 -49.16 -15.14
N LEU D 150 24.12 -48.01 -14.79
CA LEU D 150 24.13 -47.57 -13.39
C LEU D 150 23.42 -48.59 -12.52
N LYS D 151 22.25 -49.05 -12.96
CA LYS D 151 21.54 -50.09 -12.22
C LYS D 151 22.38 -51.36 -12.10
N ALA D 152 23.15 -51.67 -13.15
CA ALA D 152 24.03 -52.84 -13.09
C ALA D 152 25.13 -52.65 -12.06
N MET D 153 25.57 -51.41 -11.84
CA MET D 153 26.55 -51.13 -10.80
C MET D 153 25.96 -51.22 -9.41
N GLY D 154 24.63 -51.20 -9.29
CA GLY D 154 23.98 -51.29 -8.00
C GLY D 154 23.29 -50.03 -7.53
N TYR D 155 23.19 -49.01 -8.37
CA TYR D 155 22.48 -47.78 -8.01
C TYR D 155 20.97 -48.02 -8.12
N THR D 156 20.23 -47.30 -7.30
CA THR D 156 18.77 -47.25 -7.39
C THR D 156 18.39 -45.91 -8.02
N LEU D 157 17.77 -45.95 -9.18
CA LEU D 157 17.40 -44.73 -9.89
C LEU D 157 15.96 -44.35 -9.53
N GLU D 158 15.77 -43.11 -9.10
CA GLU D 158 14.50 -42.65 -8.57
C GLU D 158 14.08 -41.37 -9.26
N ASP D 159 12.87 -41.35 -9.80
CA ASP D 159 12.27 -40.11 -10.29
C ASP D 159 11.81 -39.31 -9.07
N GLN D 160 12.52 -38.22 -8.77
CA GLN D 160 12.13 -37.39 -7.64
C GLN D 160 10.88 -36.59 -7.90
N GLY D 161 10.38 -36.59 -9.14
CA GLY D 161 9.18 -35.86 -9.49
C GLY D 161 9.50 -34.45 -9.94
N TRP D 162 9.65 -33.55 -8.96
CA TRP D 162 9.89 -32.15 -9.25
C TRP D 162 11.19 -31.96 -10.02
N ASN D 163 11.28 -30.83 -10.70
CA ASN D 163 12.41 -30.60 -11.60
C ASN D 163 13.70 -30.38 -10.82
N MET D 164 14.80 -30.78 -11.46
CA MET D 164 16.14 -30.76 -10.88
C MET D 164 16.75 -29.36 -10.99
N GLY D 165 16.12 -28.41 -10.32
CA GLY D 165 16.56 -27.03 -10.35
C GLY D 165 15.86 -26.16 -11.37
N ASP D 166 16.38 -24.94 -11.47
CA ASP D 166 15.85 -23.91 -12.37
C ASP D 166 16.97 -22.87 -12.49
N ILE D 167 18.04 -23.22 -13.20
CA ILE D 167 19.20 -22.34 -13.29
C ILE D 167 18.79 -21.05 -13.97
N GLN D 168 19.22 -19.92 -13.42
CA GLN D 168 19.12 -18.62 -14.07
C GLN D 168 20.54 -18.05 -14.13
N ALA D 169 21.05 -17.84 -15.34
CA ALA D 169 22.46 -17.55 -15.53
C ALA D 169 22.69 -16.41 -16.50
N ILE D 170 23.78 -15.67 -16.27
CA ILE D 170 24.27 -14.65 -17.19
C ILE D 170 25.75 -14.92 -17.41
N ARG D 171 26.18 -14.92 -18.66
CA ARG D 171 27.59 -15.06 -18.97
C ARG D 171 28.08 -13.77 -19.63
N VAL D 172 29.31 -13.39 -19.31
CA VAL D 172 29.91 -12.15 -19.83
C VAL D 172 31.15 -12.55 -20.60
N ASN D 173 31.22 -12.15 -21.88
CA ASN D 173 32.32 -12.47 -22.78
C ASN D 173 32.83 -11.14 -23.31
N GLY D 174 33.85 -10.59 -22.64
CA GLY D 174 34.35 -9.28 -23.00
C GLY D 174 33.40 -8.18 -22.56
N LYS D 175 32.86 -7.43 -23.52
CA LYS D 175 31.84 -6.44 -23.23
C LYS D 175 30.42 -6.97 -23.41
N ALA D 176 30.27 -8.12 -24.06
CA ALA D 176 28.96 -8.66 -24.43
C ALA D 176 28.40 -9.56 -23.33
N LEU D 177 27.08 -9.69 -23.32
CA LEU D 177 26.38 -10.44 -22.28
C LEU D 177 25.45 -11.43 -22.95
N GLU D 178 25.19 -12.55 -22.29
CA GLU D 178 24.15 -13.46 -22.74
C GLU D 178 23.49 -14.08 -21.51
N THR D 179 22.22 -14.43 -21.64
CA THR D 179 21.44 -14.98 -20.54
C THR D 179 20.99 -16.39 -20.88
N ALA D 180 20.62 -17.15 -19.84
CA ALA D 180 20.03 -18.47 -20.04
C ALA D 180 19.04 -18.74 -18.91
N SER D 181 17.83 -19.14 -19.28
CA SER D 181 16.80 -19.51 -18.33
C SER D 181 16.47 -20.99 -18.52
N ASP D 182 16.46 -21.73 -17.41
CA ASP D 182 16.32 -23.18 -17.46
C ASP D 182 15.04 -23.57 -18.18
N PRO D 183 15.09 -24.46 -19.18
CA PRO D 183 13.84 -24.95 -19.79
C PRO D 183 12.95 -25.70 -18.82
N ARG D 184 13.46 -26.04 -17.63
CA ARG D 184 12.66 -26.69 -16.60
C ARG D 184 11.61 -25.76 -16.01
N GLY D 185 11.81 -24.45 -16.11
CA GLY D 185 10.89 -23.49 -15.53
C GLY D 185 10.38 -22.48 -16.51
N ARG D 186 9.79 -21.38 -16.02
CA ARG D 186 9.18 -20.36 -16.86
C ARG D 186 9.98 -19.06 -16.88
N GLY D 187 11.28 -19.15 -16.64
CA GLY D 187 12.11 -17.97 -16.53
C GLY D 187 12.29 -17.25 -17.86
N VAL D 188 12.71 -15.99 -17.74
CA VAL D 188 12.95 -15.10 -18.86
C VAL D 188 14.30 -14.42 -18.64
N GLY D 189 15.08 -14.28 -19.72
CA GLY D 189 16.32 -13.53 -19.66
C GLY D 189 16.28 -12.37 -20.62
N MET D 190 17.14 -11.37 -20.40
N MET D 190 17.06 -11.32 -20.32
CA MET D 190 17.08 -10.17 -21.21
CA MET D 190 17.09 -10.12 -21.14
C MET D 190 18.35 -9.34 -21.05
C MET D 190 18.42 -9.40 -21.04
N VAL D 191 18.88 -8.85 -22.16
CA VAL D 191 20.04 -7.98 -22.18
C VAL D 191 19.52 -6.57 -22.41
N VAL D 192 20.09 -5.61 -21.70
CA VAL D 192 19.55 -4.25 -21.59
C VAL D 192 20.62 -3.25 -22.02
N LYS D 193 20.43 -2.63 -23.20
CA LYS D 193 21.37 -1.59 -23.60
C LYS D 193 21.34 -0.45 -22.57
N PRO D 194 22.44 0.32 -22.47
CA PRO D 194 22.33 1.51 -21.61
C PRO D 194 21.60 2.66 -22.31
#